data_4TOQ
#
_entry.id   4TOQ
#
_cell.length_a   58.462
_cell.length_b   79.969
_cell.length_c   97.532
_cell.angle_alpha   90.000
_cell.angle_beta   102.970
_cell.angle_gamma   90.000
#
_symmetry.space_group_name_H-M   'P 1 21 1'
#
loop_
_entity.id
_entity.type
_entity.pdbx_description
1 polymer 'Class III chitinase'
2 non-polymer 'MAGNESIUM ION'
3 non-polymer 'CHLORIDE ION'
4 water water
#
_entity_poly.entity_id   1
_entity_poly.type   'polypeptide(L)'
_entity_poly.pdbx_seq_one_letter_code
;GDIAIYWGQNGGEGTLASTCDTGRYAYVIVSFVTTFGNFRAPVVNLAGHCDPAAGTCTGLSDEIRSCQGKDIKVLMSIGG
GAGDYSLVSEADADNFADYLWNNFLGGQSSSRPLGDAVLDGIDFDIELGTTTFYDTLARALSSRSTQAAKVYLTAAPQCP
HPDSHLDAALNTGLFDNVWIQFYNNPLAQCQYSSGNTNDILSSWNTWTSSTTAGKIFLGLPAAPEAAGSGYIPPDVLTGQ
ILPQIKTSAKYGGVMLYSKFYDTTYSTTIKDQV
;
_entity_poly.pdbx_strand_id   A,B,C,D
#
loop_
_chem_comp.id
_chem_comp.type
_chem_comp.name
_chem_comp.formula
CL non-polymer 'CHLORIDE ION' 'Cl -1'
MG non-polymer 'MAGNESIUM ION' 'Mg 2'
#
# COMPACT_ATOMS: atom_id res chain seq x y z
N GLY A 1 -29.74 -8.22 13.61
CA GLY A 1 -29.29 -9.01 12.47
C GLY A 1 -29.35 -8.25 11.17
N ASP A 2 -28.78 -8.83 10.12
CA ASP A 2 -28.65 -8.17 8.82
C ASP A 2 -29.48 -8.92 7.78
N ILE A 3 -29.87 -8.22 6.72
CA ILE A 3 -30.53 -8.87 5.58
C ILE A 3 -29.58 -8.89 4.38
N ALA A 4 -29.44 -10.07 3.78
CA ALA A 4 -28.67 -10.23 2.55
C ALA A 4 -29.65 -10.53 1.43
N ILE A 5 -29.41 -9.97 0.24
CA ILE A 5 -30.33 -10.21 -0.86
C ILE A 5 -29.63 -10.50 -2.18
N TYR A 6 -30.18 -11.44 -2.95
CA TYR A 6 -29.67 -11.71 -4.30
C TYR A 6 -30.20 -10.69 -5.30
N TRP A 7 -29.33 -10.28 -6.23
CA TRP A 7 -29.70 -9.32 -7.26
C TRP A 7 -29.04 -9.73 -8.56
N GLY A 8 -29.71 -9.50 -9.70
CA GLY A 8 -29.04 -9.63 -10.99
C GLY A 8 -29.77 -10.45 -12.03
N GLN A 9 -30.74 -11.25 -11.63
CA GLN A 9 -31.38 -12.18 -12.56
C GLN A 9 -32.73 -11.73 -13.12
N ASN A 10 -33.12 -10.49 -12.80
CA ASN A 10 -34.37 -9.95 -13.34
C ASN A 10 -34.27 -8.44 -13.56
N GLY A 11 -34.23 -8.03 -14.83
CA GLY A 11 -34.07 -6.62 -15.18
C GLY A 11 -35.17 -5.70 -14.64
N GLY A 12 -36.27 -6.29 -14.21
CA GLY A 12 -37.34 -5.53 -13.60
C GLY A 12 -37.16 -5.21 -12.13
N GLU A 13 -36.08 -5.67 -11.50
CA GLU A 13 -35.95 -5.58 -10.04
C GLU A 13 -35.37 -4.27 -9.51
N GLY A 14 -35.04 -3.35 -10.39
CA GLY A 14 -34.36 -2.13 -10.00
C GLY A 14 -32.86 -2.22 -10.19
N THR A 15 -32.18 -1.08 -10.23
CA THR A 15 -30.73 -1.08 -10.40
C THR A 15 -30.05 -1.54 -9.11
N LEU A 16 -28.78 -1.92 -9.23
CA LEU A 16 -27.99 -2.32 -8.07
C LEU A 16 -27.91 -1.14 -7.10
N ALA A 17 -27.63 0.04 -7.65
CA ALA A 17 -27.59 1.25 -6.81
C ALA A 17 -28.91 1.48 -6.06
N SER A 18 -30.04 1.35 -6.74
CA SER A 18 -31.34 1.49 -6.07
C SER A 18 -31.54 0.45 -4.96
N THR A 19 -31.10 -0.78 -5.22
CA THR A 19 -31.24 -1.86 -4.25
C THR A 19 -30.50 -1.49 -2.96
N CYS A 20 -29.27 -1.00 -3.11
CA CYS A 20 -28.48 -0.56 -1.96
C CYS A 20 -29.07 0.65 -1.26
N ASP A 21 -29.63 1.58 -2.03
CA ASP A 21 -30.14 2.82 -1.46
CA ASP A 21 -30.17 2.84 -1.51
C ASP A 21 -31.41 2.63 -0.67
N THR A 22 -32.05 1.47 -0.76
CA THR A 22 -33.25 1.20 0.05
C THR A 22 -32.90 1.28 1.53
N GLY A 23 -31.67 0.94 1.87
CA GLY A 23 -31.22 0.96 3.25
C GLY A 23 -31.60 -0.30 4.02
N ARG A 24 -32.23 -1.26 3.35
CA ARG A 24 -32.72 -2.47 4.02
C ARG A 24 -31.69 -3.59 4.07
N TYR A 25 -30.66 -3.50 3.24
CA TYR A 25 -29.73 -4.61 3.07
C TYR A 25 -28.30 -4.31 3.51
N ALA A 26 -27.66 -5.29 4.13
CA ALA A 26 -26.26 -5.17 4.51
C ALA A 26 -25.34 -5.89 3.53
N TYR A 27 -25.92 -6.82 2.76
CA TYR A 27 -25.17 -7.54 1.72
C TYR A 27 -26.03 -7.59 0.47
N VAL A 28 -25.42 -7.33 -0.69
CA VAL A 28 -26.11 -7.59 -1.95
C VAL A 28 -25.28 -8.58 -2.74
N ILE A 29 -25.92 -9.66 -3.20
CA ILE A 29 -25.23 -10.74 -3.87
C ILE A 29 -25.52 -10.70 -5.37
N VAL A 30 -24.55 -10.20 -6.14
CA VAL A 30 -24.69 -10.08 -7.59
C VAL A 30 -24.61 -11.47 -8.21
N SER A 31 -25.55 -11.79 -9.10
CA SER A 31 -25.71 -13.16 -9.59
C SER A 31 -26.05 -13.18 -11.08
N PHE A 32 -25.36 -13.99 -11.91
CA PHE A 32 -24.40 -15.02 -11.51
C PHE A 32 -23.28 -15.14 -12.54
N VAL A 33 -22.16 -15.73 -12.15
CA VAL A 33 -21.28 -16.38 -13.12
C VAL A 33 -21.93 -17.74 -13.36
N THR A 34 -22.65 -17.86 -14.48
CA THR A 34 -23.57 -18.99 -14.71
C THR A 34 -22.91 -20.23 -15.31
N THR A 35 -21.80 -20.06 -16.00
CA THR A 35 -21.06 -21.20 -16.55
C THR A 35 -19.57 -21.04 -16.32
N PHE A 36 -18.93 -22.16 -16.03
CA PHE A 36 -17.49 -22.20 -15.80
C PHE A 36 -17.00 -23.64 -15.71
N GLY A 37 -15.68 -23.80 -15.81
CA GLY A 37 -15.07 -25.11 -15.65
C GLY A 37 -14.39 -25.60 -16.91
N ASN A 38 -13.56 -26.62 -16.73
CA ASN A 38 -12.71 -27.20 -17.77
C ASN A 38 -11.92 -26.14 -18.52
N PHE A 39 -11.42 -25.15 -17.78
CA PHE A 39 -10.55 -24.11 -18.30
C PHE A 39 -11.18 -23.22 -19.38
N ARG A 40 -12.50 -23.32 -19.53
CA ARG A 40 -13.20 -22.54 -20.54
C ARG A 40 -13.56 -21.14 -20.04
N ALA A 41 -13.76 -20.21 -20.97
CA ALA A 41 -14.16 -18.85 -20.63
C ALA A 41 -15.49 -18.87 -19.88
N PRO A 42 -15.51 -18.36 -18.64
CA PRO A 42 -16.81 -18.26 -17.95
C PRO A 42 -17.78 -17.32 -18.62
N VAL A 43 -19.06 -17.56 -18.38
CA VAL A 43 -20.12 -16.65 -18.83
C VAL A 43 -20.74 -15.98 -17.61
N VAL A 44 -20.85 -14.65 -17.69
CA VAL A 44 -21.53 -13.86 -16.66
C VAL A 44 -22.88 -13.43 -17.21
N ASN A 45 -23.94 -13.63 -16.43
CA ASN A 45 -25.27 -13.22 -16.84
C ASN A 45 -25.95 -12.34 -15.81
N LEU A 46 -26.45 -11.18 -16.23
CA LEU A 46 -27.20 -10.30 -15.36
C LEU A 46 -28.51 -9.94 -16.03
N ALA A 47 -29.14 -10.93 -16.67
CA ALA A 47 -30.42 -10.73 -17.33
C ALA A 47 -30.39 -9.50 -18.24
N GLY A 48 -31.44 -8.68 -18.17
CA GLY A 48 -31.48 -7.47 -18.98
C GLY A 48 -30.79 -6.24 -18.41
N HIS A 49 -30.25 -6.33 -17.20
CA HIS A 49 -29.58 -5.18 -16.59
C HIS A 49 -28.47 -4.59 -17.47
N CYS A 50 -27.67 -5.47 -18.06
CA CYS A 50 -26.56 -5.05 -18.92
C CYS A 50 -25.98 -6.34 -19.50
N ASP A 51 -25.10 -6.21 -20.47
CA ASP A 51 -24.55 -7.37 -21.17
C ASP A 51 -23.04 -7.42 -20.92
N PRO A 52 -22.62 -8.29 -19.98
CA PRO A 52 -21.20 -8.33 -19.59
C PRO A 52 -20.27 -8.52 -20.80
N ALA A 53 -20.61 -9.43 -21.70
CA ALA A 53 -19.75 -9.72 -22.84
C ALA A 53 -19.66 -8.52 -23.78
N ALA A 54 -20.70 -7.70 -23.80
CA ALA A 54 -20.74 -6.53 -24.67
C ALA A 54 -19.95 -5.37 -24.08
N GLY A 55 -19.56 -5.51 -22.82
CA GLY A 55 -18.85 -4.46 -22.12
C GLY A 55 -19.76 -3.41 -21.53
N THR A 56 -21.07 -3.65 -21.54
CA THR A 56 -22.00 -2.62 -21.08
C THR A 56 -22.28 -2.69 -19.58
N CYS A 57 -21.59 -3.58 -18.88
CA CYS A 57 -21.75 -3.63 -17.42
C CYS A 57 -20.64 -2.89 -16.69
N THR A 58 -19.72 -2.27 -17.41
CA THR A 58 -18.62 -1.60 -16.73
C THR A 58 -19.10 -0.40 -15.92
N GLY A 59 -20.28 0.11 -16.26
CA GLY A 59 -20.89 1.22 -15.54
C GLY A 59 -21.40 0.77 -14.19
N LEU A 60 -21.48 -0.54 -13.98
CA LEU A 60 -21.96 -1.05 -12.71
CA LEU A 60 -21.95 -1.07 -12.71
C LEU A 60 -20.99 -0.75 -11.58
N SER A 61 -19.72 -0.49 -11.90
CA SER A 61 -18.74 -0.21 -10.84
C SER A 61 -19.08 1.03 -10.03
N ASP A 62 -19.69 2.03 -10.67
CA ASP A 62 -20.10 3.21 -9.90
C ASP A 62 -21.21 2.84 -8.92
N GLU A 63 -22.06 1.88 -9.33
CA GLU A 63 -23.13 1.39 -8.47
C GLU A 63 -22.60 0.52 -7.34
N ILE A 64 -21.61 -0.32 -7.65
CA ILE A 64 -20.95 -1.13 -6.64
C ILE A 64 -20.31 -0.22 -5.58
N ARG A 65 -19.65 0.85 -6.03
CA ARG A 65 -19.04 1.80 -5.10
C ARG A 65 -20.07 2.55 -4.27
N SER A 66 -21.20 2.92 -4.87
CA SER A 66 -22.24 3.62 -4.13
CA SER A 66 -22.26 3.60 -4.14
C SER A 66 -22.74 2.73 -2.99
N CYS A 67 -22.81 1.41 -3.25
CA CYS A 67 -23.19 0.46 -2.21
C CYS A 67 -22.14 0.42 -1.12
N GLN A 68 -20.87 0.34 -1.54
CA GLN A 68 -19.76 0.23 -0.60
C GLN A 68 -19.57 1.48 0.26
N GLY A 69 -19.86 2.65 -0.30
CA GLY A 69 -19.82 3.89 0.45
C GLY A 69 -20.90 3.95 1.51
N LYS A 70 -21.86 3.05 1.42
CA LYS A 70 -22.92 2.96 2.41
C LYS A 70 -22.74 1.76 3.33
N ASP A 71 -21.51 1.22 3.36
CA ASP A 71 -21.11 0.13 4.25
C ASP A 71 -21.88 -1.15 3.92
N ILE A 72 -22.20 -1.32 2.64
CA ILE A 72 -22.85 -2.54 2.17
C ILE A 72 -21.82 -3.40 1.46
N LYS A 73 -21.78 -4.69 1.77
CA LYS A 73 -20.86 -5.61 1.09
C LYS A 73 -21.51 -6.11 -0.18
N VAL A 74 -20.75 -6.09 -1.27
CA VAL A 74 -21.22 -6.57 -2.56
C VAL A 74 -20.44 -7.80 -2.97
N LEU A 75 -21.13 -8.90 -3.14
CA LEU A 75 -20.48 -10.17 -3.41
C LEU A 75 -20.82 -10.60 -4.82
N MET A 76 -19.93 -11.33 -5.47
CA MET A 76 -20.24 -11.94 -6.77
C MET A 76 -20.53 -13.42 -6.59
N SER A 77 -21.71 -13.87 -7.03
CA SER A 77 -22.07 -15.28 -6.87
C SER A 77 -21.72 -16.12 -8.08
N ILE A 78 -21.15 -17.29 -7.80
CA ILE A 78 -20.85 -18.27 -8.83
C ILE A 78 -21.88 -19.41 -8.76
N GLY A 79 -22.37 -19.80 -9.93
CA GLY A 79 -23.26 -20.94 -10.05
C GLY A 79 -24.71 -20.60 -10.30
N GLY A 80 -25.57 -20.87 -9.32
CA GLY A 80 -27.01 -20.71 -9.49
C GLY A 80 -27.69 -21.96 -10.00
N GLY A 81 -29.00 -22.02 -9.86
CA GLY A 81 -29.74 -23.22 -10.24
C GLY A 81 -29.93 -23.46 -11.73
N ALA A 82 -29.78 -22.42 -12.54
CA ALA A 82 -30.03 -22.55 -13.98
C ALA A 82 -28.76 -22.72 -14.82
N GLY A 83 -27.60 -22.62 -14.19
CA GLY A 83 -26.33 -22.59 -14.90
C GLY A 83 -25.77 -23.95 -15.27
N ASP A 84 -24.54 -23.97 -15.77
CA ASP A 84 -23.91 -25.20 -16.25
C ASP A 84 -22.42 -25.13 -15.91
N TYR A 85 -22.00 -25.86 -14.88
CA TYR A 85 -20.65 -25.74 -14.34
C TYR A 85 -20.21 -27.04 -13.66
N SER A 86 -18.89 -27.22 -13.60
CA SER A 86 -18.23 -28.31 -12.85
C SER A 86 -16.74 -28.06 -12.97
N LEU A 87 -15.97 -28.51 -11.97
CA LEU A 87 -14.51 -28.38 -12.01
C LEU A 87 -13.91 -29.76 -12.26
N VAL A 88 -12.92 -29.84 -13.14
CA VAL A 88 -12.46 -31.16 -13.61
C VAL A 88 -11.19 -31.65 -12.91
N SER A 89 -10.52 -30.74 -12.23
CA SER A 89 -9.25 -31.04 -11.58
C SER A 89 -8.90 -29.91 -10.61
N GLU A 90 -7.91 -30.14 -9.74
CA GLU A 90 -7.39 -29.07 -8.89
C GLU A 90 -6.88 -27.90 -9.71
N ALA A 91 -6.22 -28.19 -10.83
CA ALA A 91 -5.73 -27.14 -11.72
C ALA A 91 -6.86 -26.30 -12.29
N ASP A 92 -7.99 -26.94 -12.57
CA ASP A 92 -9.16 -26.23 -13.08
C ASP A 92 -9.66 -25.27 -11.99
N ALA A 93 -9.66 -25.72 -10.74
CA ALA A 93 -10.05 -24.85 -9.63
C ALA A 93 -9.11 -23.64 -9.51
N ASP A 94 -7.80 -23.87 -9.66
CA ASP A 94 -6.84 -22.78 -9.68
C ASP A 94 -7.12 -21.79 -10.81
N ASN A 95 -7.41 -22.32 -12.00
CA ASN A 95 -7.77 -21.49 -13.15
C ASN A 95 -8.98 -20.58 -12.89
N PHE A 96 -10.04 -21.14 -12.32
CA PHE A 96 -11.24 -20.37 -12.05
C PHE A 96 -11.01 -19.38 -10.89
N ALA A 97 -10.27 -19.79 -9.86
CA ALA A 97 -9.89 -18.86 -8.79
C ALA A 97 -9.17 -17.65 -9.34
N ASP A 98 -8.22 -17.87 -10.25
CA ASP A 98 -7.47 -16.77 -10.84
CA ASP A 98 -7.47 -16.77 -10.83
C ASP A 98 -8.38 -15.87 -11.66
N TYR A 99 -9.30 -16.46 -12.41
CA TYR A 99 -10.28 -15.69 -13.16
C TYR A 99 -11.08 -14.76 -12.23
N LEU A 100 -11.58 -15.30 -11.13
CA LEU A 100 -12.35 -14.50 -10.17
C LEU A 100 -11.52 -13.42 -9.49
N TRP A 101 -10.31 -13.80 -9.05
CA TRP A 101 -9.38 -12.85 -8.47
C TRP A 101 -9.11 -11.67 -9.40
N ASN A 102 -8.76 -11.96 -10.64
CA ASN A 102 -8.37 -10.92 -11.58
C ASN A 102 -9.52 -10.11 -12.16
N ASN A 103 -10.70 -10.71 -12.24
CA ASN A 103 -11.82 -10.07 -12.93
C ASN A 103 -12.86 -9.43 -12.01
N PHE A 104 -12.90 -9.84 -10.75
CA PHE A 104 -13.90 -9.32 -9.80
C PHE A 104 -13.30 -8.78 -8.51
N LEU A 105 -12.14 -9.32 -8.12
CA LEU A 105 -11.54 -8.98 -6.83
C LEU A 105 -10.32 -8.08 -7.01
N GLY A 106 -9.34 -8.20 -6.11
CA GLY A 106 -8.22 -7.27 -6.09
C GLY A 106 -7.11 -7.54 -7.07
N GLY A 107 -7.32 -8.50 -7.98
CA GLY A 107 -6.38 -8.74 -9.05
C GLY A 107 -6.56 -7.74 -10.18
N GLN A 108 -5.96 -8.04 -11.33
CA GLN A 108 -6.06 -7.10 -12.46
C GLN A 108 -6.40 -7.82 -13.75
N SER A 109 -7.23 -7.18 -14.57
CA SER A 109 -7.62 -7.74 -15.86
C SER A 109 -8.02 -6.61 -16.77
N SER A 110 -7.83 -6.80 -18.07
CA SER A 110 -8.23 -5.77 -19.02
CA SER A 110 -8.21 -5.80 -19.05
C SER A 110 -9.66 -5.98 -19.47
N SER A 111 -10.32 -7.00 -18.92
CA SER A 111 -11.70 -7.26 -19.30
C SER A 111 -12.59 -7.59 -18.12
N ARG A 112 -12.42 -6.85 -17.02
CA ARG A 112 -13.31 -7.02 -15.86
C ARG A 112 -14.75 -6.79 -16.29
N PRO A 113 -15.62 -7.80 -16.05
CA PRO A 113 -17.00 -7.70 -16.54
C PRO A 113 -17.80 -6.53 -15.97
N LEU A 114 -17.57 -6.19 -14.70
CA LEU A 114 -18.38 -5.17 -14.07
C LEU A 114 -17.60 -3.88 -13.85
N GLY A 115 -16.39 -3.80 -14.42
CA GLY A 115 -15.60 -2.59 -14.30
C GLY A 115 -14.52 -2.65 -13.23
N ASP A 116 -14.01 -1.47 -12.85
CA ASP A 116 -12.86 -1.41 -11.95
C ASP A 116 -13.14 -1.59 -10.45
N ALA A 117 -14.41 -1.67 -10.07
CA ALA A 117 -14.74 -1.85 -8.65
C ALA A 117 -14.22 -3.20 -8.15
N VAL A 118 -13.83 -3.21 -6.89
CA VAL A 118 -13.38 -4.46 -6.26
C VAL A 118 -14.50 -5.04 -5.44
N LEU A 119 -15.02 -6.18 -5.91
CA LEU A 119 -16.09 -6.85 -5.19
C LEU A 119 -15.55 -7.27 -3.84
N ASP A 120 -16.42 -7.33 -2.83
CA ASP A 120 -15.97 -7.69 -1.50
C ASP A 120 -15.67 -9.17 -1.31
N GLY A 121 -16.17 -10.00 -2.22
CA GLY A 121 -15.91 -11.43 -2.10
C GLY A 121 -16.75 -12.28 -3.04
N ILE A 122 -16.67 -13.59 -2.83
CA ILE A 122 -17.31 -14.56 -3.72
C ILE A 122 -18.33 -15.38 -2.95
N ASP A 123 -19.52 -15.54 -3.53
CA ASP A 123 -20.58 -16.36 -2.96
C ASP A 123 -20.66 -17.69 -3.73
N PHE A 124 -20.50 -18.82 -3.02
CA PHE A 124 -20.56 -20.15 -3.63
C PHE A 124 -22.02 -20.64 -3.68
N ASP A 125 -22.68 -20.52 -4.83
CA ASP A 125 -24.05 -20.99 -4.97
C ASP A 125 -24.05 -22.19 -5.90
N ILE A 126 -23.37 -23.25 -5.45
CA ILE A 126 -23.13 -24.45 -6.25
C ILE A 126 -24.26 -25.45 -6.02
N GLU A 127 -25.12 -25.58 -7.03
CA GLU A 127 -26.37 -26.33 -6.90
C GLU A 127 -26.45 -27.58 -7.78
N LEU A 128 -25.46 -27.73 -8.66
CA LEU A 128 -25.52 -28.79 -9.67
C LEU A 128 -24.13 -29.16 -10.15
N GLY A 129 -24.05 -30.21 -10.97
CA GLY A 129 -22.75 -30.66 -11.46
C GLY A 129 -22.07 -31.60 -10.48
N THR A 130 -20.79 -31.88 -10.70
CA THR A 130 -20.04 -32.69 -9.75
C THR A 130 -19.76 -31.90 -8.47
N THR A 131 -19.38 -32.62 -7.42
CA THR A 131 -19.17 -32.00 -6.11
C THR A 131 -17.71 -31.70 -5.82
N THR A 132 -16.84 -31.96 -6.81
CA THR A 132 -15.41 -32.00 -6.60
CA THR A 132 -15.40 -32.00 -6.58
C THR A 132 -14.71 -30.65 -6.77
N PHE A 133 -13.65 -30.44 -5.98
CA PHE A 133 -12.72 -29.30 -6.09
C PHE A 133 -13.21 -27.92 -5.65
N TYR A 134 -14.35 -27.86 -4.97
CA TYR A 134 -14.77 -26.57 -4.40
C TYR A 134 -14.02 -26.22 -3.13
N ASP A 135 -13.49 -27.23 -2.44
CA ASP A 135 -12.56 -26.96 -1.35
C ASP A 135 -11.30 -26.34 -1.95
N THR A 136 -10.84 -26.93 -3.06
CA THR A 136 -9.66 -26.38 -3.75
C THR A 136 -9.90 -24.92 -4.12
N LEU A 137 -11.09 -24.64 -4.65
CA LEU A 137 -11.43 -23.28 -5.10
C LEU A 137 -11.44 -22.30 -3.92
N ALA A 138 -12.07 -22.69 -2.82
CA ALA A 138 -12.15 -21.83 -1.64
C ALA A 138 -10.76 -21.50 -1.12
N ARG A 139 -9.91 -22.51 -1.02
CA ARG A 139 -8.56 -22.31 -0.50
CA ARG A 139 -8.56 -22.30 -0.51
C ARG A 139 -7.76 -21.36 -1.39
N ALA A 140 -7.91 -21.52 -2.70
CA ALA A 140 -7.21 -20.68 -3.66
C ALA A 140 -7.66 -19.23 -3.55
N LEU A 141 -8.97 -18.99 -3.45
CA LEU A 141 -9.47 -17.64 -3.28
C LEU A 141 -9.05 -17.03 -1.95
N SER A 142 -9.16 -17.79 -0.86
CA SER A 142 -8.83 -17.27 0.46
C SER A 142 -7.38 -16.85 0.54
N SER A 143 -6.51 -17.52 -0.22
CA SER A 143 -5.09 -17.22 -0.21
CA SER A 143 -5.09 -17.21 -0.19
C SER A 143 -4.76 -15.90 -0.89
N ARG A 144 -5.75 -15.32 -1.56
CA ARG A 144 -5.60 -14.00 -2.18
CA ARG A 144 -5.61 -14.01 -2.19
C ARG A 144 -5.93 -12.89 -1.21
N SER A 145 -6.48 -13.26 -0.05
CA SER A 145 -6.79 -12.26 0.98
C SER A 145 -5.51 -11.58 1.45
N THR A 146 -5.64 -10.29 1.78
CA THR A 146 -4.58 -9.55 2.42
C THR A 146 -5.19 -8.96 3.69
N GLN A 147 -4.36 -8.50 4.60
CA GLN A 147 -4.84 -7.84 5.81
C GLN A 147 -5.49 -6.50 5.45
N ALA A 148 -5.03 -5.90 4.36
CA ALA A 148 -5.60 -4.65 3.87
C ALA A 148 -6.89 -4.86 3.08
N ALA A 149 -6.98 -6.00 2.40
CA ALA A 149 -8.12 -6.27 1.53
C ALA A 149 -8.62 -7.70 1.70
N LYS A 150 -9.71 -7.84 2.45
CA LYS A 150 -10.29 -9.17 2.70
C LYS A 150 -11.09 -9.67 1.51
N VAL A 151 -10.88 -10.94 1.15
CA VAL A 151 -11.76 -11.62 0.22
C VAL A 151 -12.79 -12.38 1.06
N TYR A 152 -14.01 -11.86 1.12
CA TYR A 152 -15.07 -12.59 1.82
C TYR A 152 -15.45 -13.84 1.06
N LEU A 153 -15.77 -14.91 1.79
CA LEU A 153 -16.32 -16.11 1.18
C LEU A 153 -17.66 -16.44 1.82
N THR A 154 -18.68 -16.60 0.99
CA THR A 154 -19.99 -16.94 1.50
C THR A 154 -20.50 -18.15 0.71
N ALA A 155 -21.55 -18.80 1.21
CA ALA A 155 -22.05 -20.01 0.56
C ALA A 155 -23.54 -20.14 0.77
N ALA A 156 -24.20 -20.77 -0.20
CA ALA A 156 -25.65 -20.93 -0.17
C ALA A 156 -26.05 -22.40 -0.36
N PRO A 157 -25.73 -23.26 0.61
CA PRO A 157 -26.13 -24.66 0.49
C PRO A 157 -27.65 -24.83 0.59
N GLN A 158 -28.17 -25.96 0.12
CA GLN A 158 -29.57 -26.31 0.33
C GLN A 158 -29.74 -26.82 1.74
N CYS A 159 -30.97 -26.80 2.26
CA CYS A 159 -31.15 -27.19 3.66
C CYS A 159 -30.84 -28.66 4.08
N PRO A 160 -30.90 -29.63 3.15
CA PRO A 160 -30.50 -30.94 3.65
C PRO A 160 -29.04 -30.96 4.07
N HIS A 161 -28.77 -31.55 5.24
CA HIS A 161 -27.44 -31.51 5.82
C HIS A 161 -26.82 -32.89 6.00
N PRO A 162 -25.54 -33.05 5.61
CA PRO A 162 -24.66 -32.08 4.97
C PRO A 162 -25.03 -31.84 3.51
N ASP A 163 -24.60 -30.70 2.97
CA ASP A 163 -24.89 -30.38 1.57
C ASP A 163 -23.90 -31.06 0.64
N SER A 164 -24.42 -31.80 -0.34
CA SER A 164 -23.56 -32.61 -1.21
C SER A 164 -22.48 -31.79 -1.94
N HIS A 165 -22.86 -30.62 -2.44
CA HIS A 165 -21.95 -29.84 -3.26
C HIS A 165 -21.00 -28.95 -2.48
N LEU A 166 -21.38 -28.56 -1.27
CA LEU A 166 -20.60 -27.55 -0.55
C LEU A 166 -19.98 -28.04 0.75
N ASP A 167 -20.28 -29.26 1.20
CA ASP A 167 -19.77 -29.71 2.49
C ASP A 167 -18.24 -29.67 2.58
N ALA A 168 -17.57 -30.14 1.53
CA ALA A 168 -16.11 -30.14 1.54
C ALA A 168 -15.57 -28.73 1.59
N ALA A 169 -16.15 -27.84 0.77
CA ALA A 169 -15.76 -26.44 0.81
C ALA A 169 -15.98 -25.83 2.20
N LEU A 170 -17.16 -26.06 2.78
CA LEU A 170 -17.47 -25.50 4.09
C LEU A 170 -16.51 -26.04 5.16
N ASN A 171 -16.15 -27.32 5.05
CA ASN A 171 -15.24 -27.96 6.01
C ASN A 171 -13.81 -27.41 6.01
N THR A 172 -13.48 -26.56 5.02
CA THR A 172 -12.18 -25.88 5.05
C THR A 172 -12.10 -24.86 6.18
N GLY A 173 -13.25 -24.42 6.70
CA GLY A 173 -13.31 -23.42 7.74
C GLY A 173 -13.15 -22.00 7.23
N LEU A 174 -13.11 -21.85 5.91
CA LEU A 174 -12.74 -20.56 5.31
C LEU A 174 -13.91 -19.62 5.05
N PHE A 175 -15.14 -20.08 5.24
CA PHE A 175 -16.29 -19.26 4.89
C PHE A 175 -16.71 -18.32 6.02
N ASP A 176 -17.07 -17.09 5.65
CA ASP A 176 -17.48 -16.08 6.61
C ASP A 176 -18.97 -16.16 6.94
N ASN A 177 -19.81 -16.20 5.91
CA ASN A 177 -21.25 -16.30 6.09
C ASN A 177 -21.81 -17.48 5.34
N VAL A 178 -22.76 -18.18 5.93
CA VAL A 178 -23.45 -19.24 5.22
C VAL A 178 -24.94 -18.95 5.32
N TRP A 179 -25.58 -18.72 4.17
CA TRP A 179 -27.03 -18.56 4.11
C TRP A 179 -27.66 -19.82 3.52
N ILE A 180 -28.30 -20.60 4.38
CA ILE A 180 -28.85 -21.88 3.97
C ILE A 180 -30.17 -21.65 3.27
N GLN A 181 -30.38 -22.33 2.14
CA GLN A 181 -31.63 -22.17 1.41
C GLN A 181 -32.70 -23.07 2.02
N PHE A 182 -33.55 -22.49 2.85
CA PHE A 182 -34.68 -23.23 3.39
C PHE A 182 -35.87 -23.11 2.44
N TYR A 183 -35.66 -23.58 1.21
CA TYR A 183 -36.70 -23.58 0.18
C TYR A 183 -36.30 -24.57 -0.92
N ASN A 184 -37.26 -24.92 -1.78
CA ASN A 184 -37.07 -25.86 -2.88
C ASN A 184 -36.71 -27.30 -2.51
N ASN A 185 -36.90 -27.64 -1.23
CA ASN A 185 -36.62 -28.99 -0.74
C ASN A 185 -37.80 -29.51 0.08
N PRO A 186 -38.96 -29.67 -0.57
CA PRO A 186 -40.21 -29.87 0.18
C PRO A 186 -40.37 -31.24 0.82
N LEU A 187 -39.58 -32.21 0.39
CA LEU A 187 -39.69 -33.57 0.91
C LEU A 187 -38.53 -33.94 1.85
N ALA A 188 -37.69 -32.96 2.15
CA ALA A 188 -36.45 -33.21 2.88
C ALA A 188 -36.45 -32.94 4.39
N GLN A 189 -37.61 -32.59 4.95
CA GLN A 189 -37.73 -32.34 6.40
CA GLN A 189 -37.75 -32.33 6.38
C GLN A 189 -36.78 -31.27 6.93
N CYS A 190 -36.62 -30.18 6.18
CA CYS A 190 -35.75 -29.11 6.63
C CYS A 190 -36.29 -27.70 6.41
N GLN A 191 -37.38 -27.55 5.65
CA GLN A 191 -37.95 -26.21 5.40
C GLN A 191 -39.36 -26.04 5.96
N TYR A 192 -39.88 -24.83 5.90
CA TYR A 192 -41.23 -24.56 6.40
C TYR A 192 -42.28 -25.07 5.44
N SER A 193 -43.39 -25.58 6.00
CA SER A 193 -44.61 -25.80 5.25
C SER A 193 -45.75 -25.39 6.16
N SER A 194 -46.91 -25.10 5.59
CA SER A 194 -48.05 -24.66 6.40
C SER A 194 -48.27 -25.61 7.58
N GLY A 195 -48.36 -25.06 8.79
CA GLY A 195 -48.59 -25.86 9.99
C GLY A 195 -47.39 -26.61 10.56
N ASN A 196 -46.21 -26.36 9.99
CA ASN A 196 -45.01 -27.09 10.38
C ASN A 196 -43.79 -26.18 10.46
N THR A 197 -43.44 -25.76 11.68
CA THR A 197 -42.17 -25.05 11.90
C THR A 197 -41.12 -25.97 12.51
N ASN A 198 -41.51 -27.20 12.81
CA ASN A 198 -40.63 -28.13 13.49
C ASN A 198 -39.38 -28.49 12.69
N ASP A 199 -39.57 -28.78 11.40
CA ASP A 199 -38.46 -29.16 10.54
C ASP A 199 -37.41 -28.04 10.36
N ILE A 200 -37.87 -26.82 10.06
CA ILE A 200 -36.94 -25.71 9.85
C ILE A 200 -36.19 -25.33 11.13
N LEU A 201 -36.89 -25.34 12.27
CA LEU A 201 -36.22 -25.06 13.54
C LEU A 201 -35.18 -26.13 13.87
N SER A 202 -35.48 -27.38 13.61
CA SER A 202 -34.51 -28.44 13.86
CA SER A 202 -34.53 -28.47 13.85
CA SER A 202 -34.51 -28.43 13.89
C SER A 202 -33.34 -28.37 12.90
N SER A 203 -33.62 -28.04 11.64
CA SER A 203 -32.56 -27.92 10.65
C SER A 203 -31.64 -26.75 10.97
N TRP A 204 -32.22 -25.64 11.41
CA TRP A 204 -31.43 -24.49 11.87
C TRP A 204 -30.46 -24.89 12.98
N ASN A 205 -30.92 -25.68 13.95
CA ASN A 205 -30.03 -26.12 15.02
C ASN A 205 -28.90 -26.98 14.50
N THR A 206 -29.22 -27.89 13.58
CA THR A 206 -28.19 -28.74 12.97
C THR A 206 -27.15 -27.89 12.25
N TRP A 207 -27.62 -26.97 11.40
CA TRP A 207 -26.69 -26.14 10.64
C TRP A 207 -25.79 -25.26 11.51
N THR A 208 -26.37 -24.56 12.49
CA THR A 208 -25.55 -23.68 13.33
C THR A 208 -24.52 -24.47 14.14
N SER A 209 -24.89 -25.66 14.60
CA SER A 209 -23.97 -26.39 15.47
CA SER A 209 -24.03 -26.49 15.47
C SER A 209 -22.98 -27.28 14.72
N SER A 210 -23.10 -27.34 13.39
CA SER A 210 -22.23 -28.24 12.62
C SER A 210 -21.39 -27.55 11.58
N THR A 211 -21.40 -26.22 11.59
CA THR A 211 -20.70 -25.43 10.57
CA THR A 211 -20.68 -25.48 10.56
C THR A 211 -19.59 -24.60 11.17
N THR A 212 -18.49 -24.47 10.45
CA THR A 212 -17.34 -23.71 10.97
C THR A 212 -17.49 -22.20 10.85
N ALA A 213 -18.34 -21.77 9.93
CA ALA A 213 -18.52 -20.34 9.67
C ALA A 213 -18.99 -19.59 10.90
N GLY A 214 -18.63 -18.32 10.97
CA GLY A 214 -18.96 -17.50 12.12
C GLY A 214 -20.36 -16.91 12.11
N LYS A 215 -20.92 -16.68 10.92
CA LYS A 215 -22.27 -16.16 10.82
C LYS A 215 -23.17 -17.03 9.94
N ILE A 216 -24.33 -17.38 10.49
CA ILE A 216 -25.31 -18.23 9.78
C ILE A 216 -26.59 -17.43 9.54
N PHE A 217 -27.10 -17.50 8.32
CA PHE A 217 -28.29 -16.74 7.92
C PHE A 217 -29.41 -17.68 7.48
N LEU A 218 -30.64 -17.30 7.81
CA LEU A 218 -31.83 -18.05 7.41
C LEU A 218 -32.24 -17.60 6.01
N GLY A 219 -32.02 -18.48 5.02
CA GLY A 219 -32.31 -18.13 3.63
C GLY A 219 -33.73 -18.52 3.23
N LEU A 220 -34.47 -17.56 2.69
CA LEU A 220 -35.90 -17.72 2.39
C LEU A 220 -36.30 -17.13 1.04
N PRO A 221 -37.40 -17.62 0.47
CA PRO A 221 -37.98 -16.94 -0.69
C PRO A 221 -38.68 -15.65 -0.26
N ALA A 222 -38.53 -14.58 -1.02
CA ALA A 222 -39.16 -13.31 -0.66
C ALA A 222 -40.66 -13.25 -0.99
N ALA A 223 -41.14 -14.17 -1.81
CA ALA A 223 -42.56 -14.21 -2.18
C ALA A 223 -42.91 -15.63 -2.57
N PRO A 224 -44.21 -15.97 -2.57
CA PRO A 224 -44.60 -17.32 -2.99
C PRO A 224 -44.07 -17.75 -4.37
N GLU A 225 -43.93 -16.81 -5.30
CA GLU A 225 -43.50 -17.17 -6.65
CA GLU A 225 -43.50 -17.12 -6.67
C GLU A 225 -41.98 -17.14 -6.84
N ALA A 226 -41.25 -16.84 -5.77
CA ALA A 226 -39.78 -16.78 -5.85
C ALA A 226 -39.15 -18.17 -5.75
N ALA A 227 -39.91 -19.16 -5.33
CA ALA A 227 -39.41 -20.54 -5.21
C ALA A 227 -40.54 -21.53 -5.41
N GLY A 228 -40.18 -22.80 -5.59
CA GLY A 228 -41.17 -23.86 -5.71
C GLY A 228 -41.93 -24.13 -4.42
N SER A 229 -41.25 -23.96 -3.30
CA SER A 229 -41.84 -24.23 -1.99
C SER A 229 -40.97 -23.62 -0.91
N GLY A 230 -41.56 -23.39 0.27
CA GLY A 230 -40.81 -22.97 1.43
C GLY A 230 -41.11 -21.55 1.90
N TYR A 231 -41.89 -20.80 1.13
CA TYR A 231 -42.22 -19.43 1.51
C TYR A 231 -42.93 -19.35 2.86
N ILE A 232 -42.50 -18.41 3.70
CA ILE A 232 -43.10 -18.23 5.02
C ILE A 232 -43.80 -16.88 5.11
N PRO A 233 -45.11 -16.89 5.38
CA PRO A 233 -45.80 -15.59 5.57
C PRO A 233 -45.07 -14.79 6.65
N PRO A 234 -44.96 -13.47 6.50
CA PRO A 234 -44.09 -12.71 7.41
C PRO A 234 -44.51 -12.79 8.87
N ASP A 235 -45.82 -12.86 9.16
CA ASP A 235 -46.24 -12.95 10.55
CA ASP A 235 -46.30 -12.99 10.53
C ASP A 235 -45.90 -14.31 11.16
N VAL A 236 -45.79 -15.35 10.35
CA VAL A 236 -45.35 -16.66 10.86
C VAL A 236 -43.85 -16.61 11.11
N LEU A 237 -43.11 -16.01 10.18
CA LEU A 237 -41.67 -15.86 10.37
C LEU A 237 -41.34 -15.07 11.63
N THR A 238 -41.94 -13.89 11.78
CA THR A 238 -41.58 -13.03 12.90
C THR A 238 -42.19 -13.51 14.22
N GLY A 239 -43.32 -14.21 14.15
CA GLY A 239 -43.95 -14.68 15.38
C GLY A 239 -43.44 -16.02 15.85
N GLN A 240 -43.21 -16.94 14.92
CA GLN A 240 -42.91 -18.32 15.26
C GLN A 240 -41.47 -18.81 15.03
N ILE A 241 -40.71 -18.10 14.20
CA ILE A 241 -39.37 -18.58 13.86
C ILE A 241 -38.22 -17.67 14.32
N LEU A 242 -38.29 -16.39 13.99
CA LEU A 242 -37.19 -15.48 14.36
C LEU A 242 -36.83 -15.43 15.85
N PRO A 243 -37.83 -15.35 16.76
CA PRO A 243 -37.44 -15.27 18.17
C PRO A 243 -36.61 -16.48 18.62
N GLN A 244 -36.94 -17.67 18.14
CA GLN A 244 -36.16 -18.84 18.56
C GLN A 244 -34.76 -18.88 17.93
N ILE A 245 -34.68 -18.69 16.62
CA ILE A 245 -33.36 -18.84 15.98
C ILE A 245 -32.38 -17.75 16.39
N LYS A 246 -32.91 -16.59 16.80
CA LYS A 246 -32.07 -15.48 17.23
CA LYS A 246 -32.07 -15.48 17.23
C LYS A 246 -31.38 -15.75 18.57
N THR A 247 -31.75 -16.84 19.25
CA THR A 247 -31.02 -17.22 20.47
C THR A 247 -29.69 -17.92 20.17
N SER A 248 -29.48 -18.32 18.93
CA SER A 248 -28.23 -18.96 18.53
CA SER A 248 -28.23 -18.95 18.53
C SER A 248 -27.07 -17.97 18.54
N ALA A 249 -25.91 -18.43 19.00
CA ALA A 249 -24.74 -17.56 19.06
C ALA A 249 -24.29 -17.09 17.70
N LYS A 250 -24.61 -17.85 16.66
CA LYS A 250 -24.11 -17.54 15.34
C LYS A 250 -25.14 -16.96 14.40
N TYR A 251 -26.32 -16.62 14.91
CA TYR A 251 -27.35 -15.99 14.08
C TYR A 251 -26.83 -14.69 13.47
N GLY A 252 -26.88 -14.61 12.14
CA GLY A 252 -26.42 -13.43 11.43
C GLY A 252 -27.55 -12.60 10.84
N GLY A 253 -28.69 -13.24 10.60
CA GLY A 253 -29.81 -12.55 9.99
C GLY A 253 -30.54 -13.42 9.00
N VAL A 254 -31.14 -12.77 7.99
CA VAL A 254 -32.00 -13.43 7.01
C VAL A 254 -31.47 -13.15 5.62
N MET A 255 -31.45 -14.17 4.77
CA MET A 255 -31.12 -13.98 3.37
C MET A 255 -32.39 -14.15 2.55
N LEU A 256 -32.55 -13.34 1.51
CA LEU A 256 -33.74 -13.40 0.67
C LEU A 256 -33.41 -13.64 -0.79
N TYR A 257 -34.12 -14.58 -1.40
CA TYR A 257 -34.13 -14.70 -2.85
C TYR A 257 -35.47 -14.20 -3.37
N SER A 258 -35.52 -13.11 -4.15
CA SER A 258 -34.42 -12.25 -4.56
C SER A 258 -34.99 -10.83 -4.61
N LYS A 259 -34.20 -9.84 -5.04
CA LYS A 259 -34.69 -8.46 -5.06
C LYS A 259 -35.99 -8.29 -5.85
N PHE A 260 -36.10 -8.97 -6.99
CA PHE A 260 -37.30 -8.86 -7.81
C PHE A 260 -38.57 -9.15 -7.00
N TYR A 261 -38.49 -10.14 -6.13
CA TYR A 261 -39.66 -10.59 -5.37
C TYR A 261 -39.83 -9.90 -4.03
N ASP A 262 -38.90 -9.01 -3.68
CA ASP A 262 -38.88 -8.39 -2.37
C ASP A 262 -39.45 -6.97 -2.41
N THR A 263 -40.70 -6.84 -2.84
CA THR A 263 -41.34 -5.52 -2.86
C THR A 263 -41.86 -5.13 -1.48
N THR A 264 -42.24 -6.12 -0.67
CA THR A 264 -42.75 -5.82 0.67
C THR A 264 -42.12 -6.63 1.80
N TYR A 265 -41.48 -7.77 1.49
CA TYR A 265 -41.09 -8.71 2.56
C TYR A 265 -40.08 -8.14 3.55
N SER A 266 -38.94 -7.64 3.06
CA SER A 266 -37.94 -7.06 3.96
C SER A 266 -38.47 -5.82 4.67
N THR A 267 -39.33 -5.06 4.00
CA THR A 267 -39.93 -3.89 4.62
C THR A 267 -40.76 -4.28 5.86
N THR A 268 -41.53 -5.35 5.71
CA THR A 268 -42.41 -5.84 6.76
C THR A 268 -41.63 -6.42 7.95
N ILE A 269 -40.59 -7.20 7.66
CA ILE A 269 -39.87 -7.88 8.73
C ILE A 269 -38.65 -7.13 9.29
N LYS A 270 -38.32 -5.97 8.68
CA LYS A 270 -37.04 -5.30 8.96
C LYS A 270 -36.64 -5.18 10.43
N ASP A 271 -37.58 -4.75 11.27
CA ASP A 271 -37.24 -4.46 12.66
C ASP A 271 -37.22 -5.70 13.56
N GLN A 272 -37.55 -6.86 12.99
CA GLN A 272 -37.51 -8.13 13.74
C GLN A 272 -36.29 -8.96 13.43
N VAL A 273 -35.59 -8.61 12.36
CA VAL A 273 -34.40 -9.34 11.95
C VAL A 273 -33.23 -9.05 12.89
N GLY B 1 32.29 1.59 -14.98
CA GLY B 1 31.83 0.74 -13.90
C GLY B 1 31.65 1.52 -12.61
N ASP B 2 31.34 0.81 -11.53
CA ASP B 2 31.07 1.41 -10.22
C ASP B 2 32.14 1.02 -9.21
N ILE B 3 32.33 1.85 -8.18
CA ILE B 3 33.18 1.49 -7.05
C ILE B 3 32.31 1.18 -5.82
N ALA B 4 32.61 0.06 -5.15
CA ALA B 4 31.97 -0.31 -3.89
C ALA B 4 33.01 -0.25 -2.78
N ILE B 5 32.63 0.18 -1.59
CA ILE B 5 33.61 0.33 -0.50
C ILE B 5 33.03 -0.18 0.83
N TYR B 6 33.85 -0.89 1.59
CA TYR B 6 33.49 -1.30 2.95
C TYR B 6 33.70 -0.16 3.95
N TRP B 7 32.76 -0.02 4.88
CA TRP B 7 32.80 1.03 5.90
C TRP B 7 32.31 0.41 7.18
N GLY B 8 32.88 0.81 8.32
CA GLY B 8 32.30 0.46 9.60
C GLY B 8 33.27 -0.07 10.62
N GLN B 9 34.43 -0.51 10.17
CA GLN B 9 35.37 -1.20 11.04
C GLN B 9 36.54 -0.34 11.52
N ASN B 10 36.48 0.96 11.24
CA ASN B 10 37.49 1.87 11.81
C ASN B 10 36.91 3.24 12.10
N GLY B 11 36.90 3.60 13.37
CA GLY B 11 36.30 4.86 13.80
C GLY B 11 36.93 6.11 13.26
N GLY B 12 38.12 5.99 12.69
CA GLY B 12 38.82 7.14 12.13
C GLY B 12 38.54 7.38 10.66
N GLU B 13 37.67 6.57 10.05
CA GLU B 13 37.48 6.64 8.60
C GLU B 13 36.42 7.65 8.13
N GLY B 14 35.84 8.40 9.07
CA GLY B 14 34.85 9.39 8.72
C GLY B 14 33.44 8.85 8.81
N THR B 15 32.44 9.73 8.76
CA THR B 15 31.06 9.29 8.84
C THR B 15 30.60 8.56 7.58
N LEU B 16 29.48 7.85 7.69
CA LEU B 16 28.87 7.21 6.52
C LEU B 16 28.48 8.28 5.50
N ALA B 17 27.88 9.36 5.98
CA ALA B 17 27.47 10.44 5.07
C ALA B 17 28.65 11.04 4.33
N SER B 18 29.78 11.24 5.03
CA SER B 18 30.96 11.81 4.39
CA SER B 18 30.96 11.81 4.39
C SER B 18 31.47 10.90 3.29
N THR B 19 31.35 9.58 3.52
CA THR B 19 31.78 8.58 2.54
C THR B 19 30.92 8.69 1.28
N CYS B 20 29.60 8.69 1.45
CA CYS B 20 28.68 8.84 0.34
C CYS B 20 28.84 10.16 -0.40
N ASP B 21 29.10 11.23 0.36
CA ASP B 21 29.19 12.57 -0.23
C ASP B 21 30.48 12.84 -1.03
N THR B 22 31.44 11.92 -0.97
CA THR B 22 32.61 12.04 -1.84
C THR B 22 32.18 11.96 -3.29
N GLY B 23 31.09 11.24 -3.54
CA GLY B 23 30.60 11.01 -4.88
C GLY B 23 31.36 9.93 -5.62
N ARG B 24 32.32 9.29 -4.95
CA ARG B 24 33.16 8.31 -5.63
C ARG B 24 32.55 6.91 -5.68
N TYR B 25 31.58 6.65 -4.80
CA TYR B 25 31.11 5.28 -4.59
C TYR B 25 29.65 5.09 -4.97
N ALA B 26 29.33 3.92 -5.51
CA ALA B 26 27.95 3.58 -5.85
C ALA B 26 27.36 2.61 -4.85
N TYR B 27 28.23 1.96 -4.08
CA TYR B 27 27.81 1.06 -3.01
C TYR B 27 28.65 1.34 -1.78
N VAL B 28 28.00 1.48 -0.63
CA VAL B 28 28.74 1.47 0.62
C VAL B 28 28.28 0.29 1.45
N ILE B 29 29.23 -0.53 1.87
CA ILE B 29 28.90 -1.76 2.59
C ILE B 29 29.23 -1.62 4.06
N VAL B 30 28.19 -1.47 4.87
CA VAL B 30 28.32 -1.32 6.31
C VAL B 30 28.69 -2.68 6.90
N SER B 31 29.69 -2.70 7.77
CA SER B 31 30.27 -3.96 8.25
C SER B 31 30.60 -3.87 9.75
N PHE B 32 30.28 -4.88 10.57
CA PHE B 32 29.74 -6.19 10.20
C PHE B 32 28.74 -6.65 11.24
N VAL B 33 27.84 -7.56 10.85
CA VAL B 33 27.17 -8.41 11.83
C VAL B 33 28.17 -9.53 12.11
N THR B 34 28.88 -9.44 13.22
CA THR B 34 30.08 -10.26 13.45
C THR B 34 29.83 -11.62 14.05
N THR B 35 28.72 -11.77 14.77
CA THR B 35 28.39 -13.07 15.36
C THR B 35 26.91 -13.37 15.11
N PHE B 36 26.63 -14.62 14.75
CA PHE B 36 25.27 -15.08 14.54
C PHE B 36 25.26 -16.58 14.49
N GLY B 37 24.08 -17.18 14.65
CA GLY B 37 23.96 -18.62 14.52
C GLY B 37 23.45 -19.30 15.77
N ASN B 38 22.97 -20.54 15.61
CA ASN B 38 22.36 -21.32 16.68
C ASN B 38 21.28 -20.57 17.43
N PHE B 39 20.52 -19.79 16.67
CA PHE B 39 19.35 -19.06 17.18
C PHE B 39 19.68 -17.99 18.22
N ARG B 40 20.96 -17.68 18.39
CA ARG B 40 21.34 -16.67 19.37
C ARG B 40 21.18 -15.25 18.82
N ALA B 41 21.12 -14.27 19.71
CA ALA B 41 21.06 -12.87 19.30
C ALA B 41 22.37 -12.51 18.59
N PRO B 42 22.26 -12.02 17.34
CA PRO B 42 23.47 -11.58 16.65
C PRO B 42 24.14 -10.37 17.32
N VAL B 43 25.44 -10.22 17.08
CA VAL B 43 26.16 -9.03 17.49
C VAL B 43 26.55 -8.20 16.27
N VAL B 44 26.26 -6.90 16.34
CA VAL B 44 26.63 -5.96 15.29
C VAL B 44 27.75 -5.08 15.83
N ASN B 45 28.82 -4.94 15.05
CA ASN B 45 29.96 -4.16 15.51
C ASN B 45 30.35 -3.11 14.49
N LEU B 46 30.42 -1.85 14.94
CA LEU B 46 30.89 -0.76 14.09
C LEU B 46 32.10 -0.06 14.69
N ALA B 47 32.99 -0.87 15.28
CA ALA B 47 34.26 -0.37 15.80
C ALA B 47 34.05 0.87 16.65
N GLY B 48 34.86 1.90 16.41
CA GLY B 48 34.79 3.12 17.21
C GLY B 48 33.88 4.19 16.65
N HIS B 49 32.92 3.80 15.81
CA HIS B 49 31.90 4.74 15.32
C HIS B 49 30.76 4.96 16.33
N CYS B 50 30.23 3.86 16.85
CA CYS B 50 29.08 3.84 17.76
C CYS B 50 28.90 2.41 18.24
N ASP B 51 27.93 2.18 19.14
CA ASP B 51 27.75 0.86 19.72
C ASP B 51 26.31 0.41 19.45
N PRO B 52 26.12 -0.48 18.45
CA PRO B 52 24.78 -0.91 18.07
C PRO B 52 23.95 -1.42 19.26
N ALA B 53 24.54 -2.28 20.09
CA ALA B 53 23.82 -2.85 21.22
C ALA B 53 23.33 -1.76 22.16
N ALA B 54 24.08 -0.66 22.23
CA ALA B 54 23.78 0.44 23.16
C ALA B 54 22.73 1.41 22.62
N GLY B 55 22.32 1.22 21.37
CA GLY B 55 21.33 2.08 20.74
C GLY B 55 21.87 3.38 20.20
N THR B 56 23.18 3.53 20.16
CA THR B 56 23.79 4.82 19.77
C THR B 56 24.15 4.93 18.30
N CYS B 57 23.68 3.99 17.48
CA CYS B 57 23.94 4.04 16.04
C CYS B 57 22.71 4.46 15.22
N THR B 58 21.62 4.83 15.88
CA THR B 58 20.37 5.10 15.14
C THR B 58 20.44 6.39 14.33
N GLY B 59 21.45 7.22 14.61
CA GLY B 59 21.68 8.43 13.83
C GLY B 59 22.12 8.12 12.42
N LEU B 60 22.60 6.89 12.20
CA LEU B 60 23.01 6.45 10.87
C LEU B 60 21.84 6.46 9.88
N SER B 61 20.61 6.39 10.37
CA SER B 61 19.47 6.29 9.46
CA SER B 61 19.45 6.30 9.50
C SER B 61 19.34 7.50 8.55
N ASP B 62 19.59 8.69 9.10
CA ASP B 62 19.55 9.90 8.30
C ASP B 62 20.63 9.84 7.22
N GLU B 63 21.80 9.36 7.61
CA GLU B 63 22.93 9.26 6.70
C GLU B 63 22.64 8.25 5.58
N ILE B 64 22.02 7.13 5.93
CA ILE B 64 21.64 6.13 4.96
C ILE B 64 20.67 6.70 3.93
N ARG B 65 19.67 7.43 4.42
CA ARG B 65 18.68 8.05 3.54
CA ARG B 65 18.67 8.05 3.54
C ARG B 65 19.30 9.03 2.56
N SER B 66 20.18 9.89 3.08
CA SER B 66 20.87 10.85 2.22
CA SER B 66 20.88 10.84 2.23
C SER B 66 21.72 10.14 1.16
N CYS B 67 22.39 9.07 1.55
CA CYS B 67 23.16 8.26 0.59
C CYS B 67 22.25 7.79 -0.54
N GLN B 68 21.10 7.22 -0.15
CA GLN B 68 20.18 6.64 -1.11
C GLN B 68 19.57 7.71 -2.01
N GLY B 69 19.44 8.92 -1.48
CA GLY B 69 18.96 10.04 -2.27
C GLY B 69 19.87 10.37 -3.45
N LYS B 70 21.12 9.92 -3.36
CA LYS B 70 22.09 10.13 -4.43
C LYS B 70 22.35 8.87 -5.25
N ASP B 71 21.38 7.96 -5.21
CA ASP B 71 21.42 6.67 -5.89
C ASP B 71 22.63 5.83 -5.50
N ILE B 72 23.03 5.95 -4.24
CA ILE B 72 24.04 5.09 -3.65
C ILE B 72 23.33 3.98 -2.87
N LYS B 73 23.75 2.74 -3.07
CA LYS B 73 23.14 1.63 -2.34
C LYS B 73 23.93 1.38 -1.07
N VAL B 74 23.21 1.19 0.05
CA VAL B 74 23.83 0.92 1.33
C VAL B 74 23.46 -0.49 1.74
N LEU B 75 24.47 -1.33 1.94
CA LEU B 75 24.22 -2.74 2.26
C LEU B 75 24.73 -3.03 3.66
N MET B 76 24.17 -4.06 4.30
CA MET B 76 24.69 -4.53 5.58
C MET B 76 25.38 -5.87 5.39
N SER B 77 26.64 -5.94 5.80
CA SER B 77 27.45 -7.14 5.57
C SER B 77 27.40 -8.06 6.78
N ILE B 78 27.22 -9.35 6.52
CA ILE B 78 27.27 -10.37 7.56
C ILE B 78 28.59 -11.13 7.52
N GLY B 79 29.18 -11.39 8.68
CA GLY B 79 30.39 -12.19 8.74
C GLY B 79 31.66 -11.39 8.98
N GLY B 80 32.54 -11.41 7.99
CA GLY B 80 33.86 -10.81 8.12
C GLY B 80 34.89 -11.80 8.61
N GLY B 81 36.16 -11.42 8.47
CA GLY B 81 37.25 -12.31 8.83
C GLY B 81 37.49 -12.53 10.31
N ALA B 82 36.99 -11.63 11.15
CA ALA B 82 37.28 -11.67 12.59
C ALA B 82 36.13 -12.18 13.45
N GLY B 83 34.99 -12.45 12.82
CA GLY B 83 33.78 -12.77 13.57
C GLY B 83 33.69 -14.23 13.99
N ASP B 84 32.57 -14.60 14.59
CA ASP B 84 32.36 -15.97 15.07
C ASP B 84 30.94 -16.37 14.72
N TYR B 85 30.77 -17.18 13.67
CA TYR B 85 29.44 -17.47 13.15
C TYR B 85 29.39 -18.83 12.43
N SER B 86 28.17 -19.37 12.32
CA SER B 86 27.87 -20.61 11.61
C SER B 86 26.36 -20.82 11.71
N LEU B 87 25.77 -21.43 10.69
CA LEU B 87 24.36 -21.80 10.75
C LEU B 87 24.25 -23.30 11.00
N VAL B 88 23.41 -23.69 11.96
CA VAL B 88 23.36 -25.10 12.39
C VAL B 88 22.28 -25.93 11.71
N SER B 89 21.32 -25.26 11.05
CA SER B 89 20.21 -25.96 10.38
C SER B 89 19.51 -25.01 9.40
N GLU B 90 18.61 -25.56 8.58
CA GLU B 90 17.76 -24.74 7.75
C GLU B 90 16.94 -23.78 8.61
N ALA B 91 16.44 -24.27 9.74
CA ALA B 91 15.67 -23.41 10.64
C ALA B 91 16.50 -22.24 11.19
N ASP B 92 17.77 -22.50 11.49
CA ASP B 92 18.68 -21.47 11.95
C ASP B 92 18.83 -20.39 10.87
N ALA B 93 18.99 -20.83 9.62
CA ALA B 93 19.06 -19.90 8.50
C ALA B 93 17.80 -19.04 8.38
N ASP B 94 16.62 -19.64 8.54
CA ASP B 94 15.36 -18.88 8.50
CA ASP B 94 15.39 -18.85 8.48
C ASP B 94 15.31 -17.87 9.65
N ASN B 95 15.81 -18.29 10.81
CA ASN B 95 15.83 -17.42 11.99
C ASN B 95 16.72 -16.20 11.77
N PHE B 96 17.88 -16.40 11.17
CA PHE B 96 18.79 -15.28 10.92
C PHE B 96 18.24 -14.41 9.78
N ALA B 97 17.60 -15.03 8.80
CA ALA B 97 16.97 -14.25 7.71
C ALA B 97 15.88 -13.33 8.25
N ASP B 98 15.04 -13.88 9.15
CA ASP B 98 14.00 -13.08 9.80
C ASP B 98 14.64 -11.93 10.60
N TYR B 99 15.75 -12.22 11.29
CA TYR B 99 16.45 -11.17 12.03
C TYR B 99 16.89 -10.03 11.09
N LEU B 100 17.53 -10.40 9.99
CA LEU B 100 18.03 -9.40 9.06
C LEU B 100 16.88 -8.61 8.45
N TRP B 101 15.82 -9.31 8.05
CA TRP B 101 14.66 -8.65 7.45
C TRP B 101 14.06 -7.62 8.41
N ASN B 102 13.86 -8.04 9.66
CA ASN B 102 13.24 -7.17 10.66
C ASN B 102 14.13 -6.04 11.18
N ASN B 103 15.45 -6.23 11.14
CA ASN B 103 16.35 -5.25 11.72
C ASN B 103 17.06 -4.29 10.76
N PHE B 104 17.20 -4.70 9.49
CA PHE B 104 17.92 -3.90 8.50
C PHE B 104 17.08 -3.64 7.24
N LEU B 105 16.07 -4.48 7.01
CA LEU B 105 15.31 -4.40 5.77
C LEU B 105 13.87 -3.95 6.03
N GLY B 106 12.91 -4.51 5.30
CA GLY B 106 11.54 -4.02 5.34
C GLY B 106 10.64 -4.51 6.47
N GLY B 107 11.20 -5.26 7.42
CA GLY B 107 10.41 -5.76 8.53
C GLY B 107 10.32 -4.79 9.70
N GLN B 108 9.98 -5.31 10.87
CA GLN B 108 9.82 -4.49 12.06
C GLN B 108 10.55 -5.09 13.26
N SER B 109 11.21 -4.22 14.02
CA SER B 109 11.92 -4.63 15.23
C SER B 109 11.93 -3.45 16.17
N SER B 110 11.83 -3.70 17.46
CA SER B 110 11.85 -2.60 18.41
C SER B 110 13.26 -2.05 18.56
N SER B 111 14.24 -2.79 18.05
CA SER B 111 15.64 -2.46 18.26
C SER B 111 16.49 -2.53 16.99
N ARG B 112 16.07 -1.85 15.94
CA ARG B 112 16.88 -1.75 14.72
C ARG B 112 18.22 -1.09 14.98
N PRO B 113 19.32 -1.80 14.70
CA PRO B 113 20.65 -1.29 15.06
C PRO B 113 20.98 0.06 14.45
N LEU B 114 20.54 0.32 13.22
CA LEU B 114 20.96 1.55 12.56
C LEU B 114 19.80 2.52 12.42
N GLY B 115 18.71 2.24 13.13
CA GLY B 115 17.52 3.09 13.11
C GLY B 115 16.49 2.64 12.10
N ASP B 116 15.56 3.54 11.77
CA ASP B 116 14.40 3.21 10.94
C ASP B 116 14.68 2.98 9.45
N ALA B 117 15.82 3.45 8.95
CA ALA B 117 16.08 3.37 7.52
C ALA B 117 16.09 1.93 7.00
N VAL B 118 15.51 1.72 5.82
CA VAL B 118 15.52 0.41 5.19
C VAL B 118 16.75 0.30 4.28
N LEU B 119 17.70 -0.56 4.66
CA LEU B 119 18.91 -0.73 3.87
C LEU B 119 18.57 -1.36 2.51
N ASP B 120 19.49 -1.26 1.57
CA ASP B 120 19.24 -1.77 0.22
C ASP B 120 19.40 -3.27 0.09
N GLY B 121 20.08 -3.90 1.05
CA GLY B 121 20.26 -5.34 0.98
C GLY B 121 21.35 -5.85 1.90
N ILE B 122 21.73 -7.11 1.67
CA ILE B 122 22.63 -7.84 2.56
C ILE B 122 23.83 -8.37 1.78
N ASP B 123 25.02 -8.14 2.34
CA ASP B 123 26.26 -8.63 1.74
C ASP B 123 26.76 -9.85 2.51
N PHE B 124 26.99 -10.95 1.79
CA PHE B 124 27.44 -12.20 2.41
C PHE B 124 28.98 -12.28 2.43
N ASP B 125 29.58 -11.91 3.54
CA ASP B 125 31.05 -11.97 3.66
C ASP B 125 31.42 -13.14 4.58
N ILE B 126 31.13 -14.35 4.10
CA ILE B 126 31.29 -15.57 4.90
C ILE B 126 32.67 -16.18 4.70
N GLU B 127 33.50 -16.11 5.74
CA GLU B 127 34.92 -16.44 5.60
C GLU B 127 35.39 -17.60 6.48
N LEU B 128 34.51 -18.10 7.34
CA LEU B 128 34.90 -19.08 8.34
C LEU B 128 33.67 -19.81 8.83
N GLY B 129 33.87 -20.81 9.68
CA GLY B 129 32.77 -21.62 10.17
C GLY B 129 32.38 -22.70 9.19
N THR B 130 31.23 -23.32 9.43
CA THR B 130 30.72 -24.35 8.54
C THR B 130 30.27 -23.74 7.21
N THR B 131 30.16 -24.57 6.17
CA THR B 131 29.85 -24.06 4.84
C THR B 131 28.39 -24.23 4.44
N THR B 132 27.56 -24.65 5.40
CA THR B 132 26.19 -25.04 5.13
C THR B 132 25.14 -23.96 5.41
N PHE B 133 24.03 -24.05 4.67
CA PHE B 133 22.81 -23.28 4.85
C PHE B 133 22.86 -21.81 4.43
N TYR B 134 23.92 -21.41 3.72
CA TYR B 134 23.93 -20.04 3.19
C TYR B 134 23.06 -19.91 1.95
N ASP B 135 22.88 -21.03 1.23
CA ASP B 135 21.87 -21.06 0.18
C ASP B 135 20.48 -20.97 0.78
N THR B 136 20.27 -21.64 1.91
CA THR B 136 19.01 -21.51 2.63
C THR B 136 18.79 -20.06 3.06
N LEU B 137 19.85 -19.42 3.56
CA LEU B 137 19.76 -18.05 4.02
C LEU B 137 19.39 -17.10 2.89
N ALA B 138 20.01 -17.28 1.72
CA ALA B 138 19.73 -16.42 0.58
C ALA B 138 18.29 -16.58 0.11
N ARG B 139 17.81 -17.82 0.08
CA ARG B 139 16.44 -18.09 -0.34
C ARG B 139 15.40 -17.53 0.64
N ALA B 140 15.72 -17.61 1.93
CA ALA B 140 14.85 -17.07 2.97
C ALA B 140 14.78 -15.55 2.93
N LEU B 141 15.89 -14.89 2.63
CA LEU B 141 15.87 -13.43 2.50
C LEU B 141 15.04 -13.03 1.28
N SER B 142 15.19 -13.79 0.20
CA SER B 142 14.37 -13.60 -0.99
C SER B 142 12.88 -13.84 -0.70
N SER B 143 12.59 -14.89 0.07
CA SER B 143 11.21 -15.20 0.45
CA SER B 143 11.21 -15.20 0.45
C SER B 143 10.57 -14.07 1.25
N ARG B 144 11.40 -13.23 1.86
CA ARG B 144 10.94 -12.11 2.70
C ARG B 144 10.64 -10.83 1.95
N SER B 145 11.43 -10.56 0.92
CA SER B 145 11.45 -9.25 0.27
C SER B 145 10.10 -8.82 -0.30
N ALA B 149 10.11 -3.32 -2.82
CA ALA B 149 11.36 -2.71 -2.39
C ALA B 149 12.49 -3.71 -2.53
N LYS B 150 13.38 -3.48 -3.50
CA LYS B 150 14.46 -4.43 -3.81
C LYS B 150 15.34 -4.76 -2.61
N VAL B 151 15.57 -6.06 -2.41
CA VAL B 151 16.58 -6.52 -1.46
C VAL B 151 17.76 -7.07 -2.26
N TYR B 152 18.82 -6.26 -2.36
CA TYR B 152 20.06 -6.69 -2.99
C TYR B 152 20.65 -7.85 -2.17
N LEU B 153 21.23 -8.81 -2.88
CA LEU B 153 22.08 -9.82 -2.27
C LEU B 153 23.43 -9.73 -2.96
N THR B 154 24.48 -9.51 -2.15
CA THR B 154 25.84 -9.47 -2.68
C THR B 154 26.73 -10.43 -1.89
N ALA B 155 27.90 -10.75 -2.44
CA ALA B 155 28.78 -11.72 -1.79
C ALA B 155 30.24 -11.36 -2.00
N ALA B 156 31.06 -11.68 -1.01
CA ALA B 156 32.49 -11.38 -1.05
C ALA B 156 33.36 -12.63 -0.85
N PRO B 157 33.34 -13.55 -1.83
CA PRO B 157 34.18 -14.76 -1.71
C PRO B 157 35.66 -14.46 -1.82
N GLN B 158 36.50 -15.37 -1.36
CA GLN B 158 37.95 -15.26 -1.57
C GLN B 158 38.27 -15.69 -3.00
N CYS B 159 39.42 -15.27 -3.53
CA CYS B 159 39.72 -15.61 -4.93
C CYS B 159 39.88 -17.10 -5.33
N PRO B 160 40.26 -18.00 -4.41
CA PRO B 160 40.28 -19.39 -4.87
C PRO B 160 38.89 -19.85 -5.29
N HIS B 161 38.82 -20.51 -6.45
CA HIS B 161 37.53 -20.86 -7.01
C HIS B 161 37.39 -22.37 -7.17
N PRO B 162 36.21 -22.92 -6.85
CA PRO B 162 35.07 -22.28 -6.19
C PRO B 162 35.35 -21.97 -4.73
N ASP B 163 34.62 -20.99 -4.20
CA ASP B 163 34.77 -20.61 -2.81
C ASP B 163 33.88 -21.54 -1.98
N SER B 164 34.47 -22.19 -0.98
CA SER B 164 33.75 -23.25 -0.29
C SER B 164 32.57 -22.74 0.53
N HIS B 165 32.76 -21.57 1.12
CA HIS B 165 31.72 -21.00 1.98
C HIS B 165 30.55 -20.40 1.21
N LEU B 166 30.80 -19.96 -0.02
CA LEU B 166 29.79 -19.22 -0.76
C LEU B 166 29.28 -19.91 -2.02
N ASP B 167 29.90 -21.02 -2.43
CA ASP B 167 29.53 -21.61 -3.71
C ASP B 167 28.06 -22.02 -3.79
N ALA B 168 27.57 -22.72 -2.77
CA ALA B 168 26.17 -23.12 -2.76
C ALA B 168 25.22 -21.92 -2.81
N ALA B 169 25.52 -20.89 -2.03
CA ALA B 169 24.72 -19.67 -2.03
C ALA B 169 24.72 -19.01 -3.41
N LEU B 170 25.90 -18.87 -4.01
CA LEU B 170 25.99 -18.23 -5.33
C LEU B 170 25.21 -19.05 -6.37
N ASN B 171 25.26 -20.37 -6.25
CA ASN B 171 24.57 -21.25 -7.20
C ASN B 171 23.03 -21.16 -7.14
N THR B 172 22.48 -20.45 -6.16
CA THR B 172 21.04 -20.22 -6.11
C THR B 172 20.60 -19.29 -7.25
N GLY B 173 21.53 -18.51 -7.78
CA GLY B 173 21.21 -17.54 -8.80
C GLY B 173 20.64 -16.22 -8.31
N LEU B 174 20.54 -16.07 -6.99
CA LEU B 174 19.86 -14.91 -6.41
C LEU B 174 20.72 -13.68 -6.21
N PHE B 175 22.04 -13.80 -6.42
CA PHE B 175 22.93 -12.70 -6.08
C PHE B 175 23.09 -11.68 -7.19
N ASP B 176 23.08 -10.40 -6.81
CA ASP B 176 23.16 -9.31 -7.78
C ASP B 176 24.60 -8.99 -8.16
N ASN B 177 25.44 -8.80 -7.14
CA ASN B 177 26.85 -8.46 -7.34
C ASN B 177 27.71 -9.39 -6.52
N VAL B 178 28.87 -9.75 -7.07
CA VAL B 178 29.84 -10.57 -6.38
C VAL B 178 31.16 -9.82 -6.52
N TRP B 179 31.71 -9.36 -5.39
CA TRP B 179 33.04 -8.76 -5.38
C TRP B 179 34.01 -9.76 -4.78
N ILE B 180 34.87 -10.31 -5.62
CA ILE B 180 35.82 -11.31 -5.20
C ILE B 180 37.03 -10.65 -4.54
N GLN B 181 37.46 -11.19 -3.40
CA GLN B 181 38.63 -10.65 -2.72
C GLN B 181 39.93 -11.19 -3.32
N PHE B 182 40.55 -10.40 -4.18
CA PHE B 182 41.86 -10.75 -4.73
C PHE B 182 42.95 -10.24 -3.79
N TYR B 183 42.94 -10.76 -2.58
CA TYR B 183 43.90 -10.38 -1.56
C TYR B 183 43.87 -11.38 -0.42
N ASN B 184 44.90 -11.36 0.42
CA ASN B 184 45.03 -12.28 1.54
C ASN B 184 45.13 -13.76 1.18
N ASN B 185 45.45 -14.05 -0.07
CA ASN B 185 45.62 -15.42 -0.54
C ASN B 185 46.94 -15.56 -1.32
N PRO B 186 48.07 -15.30 -0.64
CA PRO B 186 49.35 -15.14 -1.34
C PRO B 186 49.90 -16.41 -1.98
N LEU B 187 49.47 -17.58 -1.52
CA LEU B 187 49.98 -18.83 -2.07
C LEU B 187 48.99 -19.56 -2.98
N ALA B 188 47.87 -18.91 -3.29
CA ALA B 188 46.78 -19.56 -4.03
C ALA B 188 46.74 -19.34 -5.54
N GLN B 189 47.73 -18.62 -6.07
CA GLN B 189 47.76 -18.31 -7.51
C GLN B 189 46.48 -17.67 -8.06
N CYS B 190 45.94 -16.67 -7.38
CA CYS B 190 44.77 -15.96 -7.90
C CYS B 190 44.82 -14.44 -7.69
N GLN B 191 45.79 -13.94 -6.92
CA GLN B 191 45.89 -12.49 -6.72
C GLN B 191 47.16 -11.92 -7.34
N TYR B 192 47.27 -10.58 -7.36
CA TYR B 192 48.51 -9.93 -7.81
C TYR B 192 49.62 -10.21 -6.82
N SER B 193 50.77 -10.71 -7.31
CA SER B 193 51.87 -11.12 -6.43
C SER B 193 53.14 -11.32 -7.22
N SER B 194 54.27 -11.01 -6.57
CA SER B 194 55.59 -11.11 -7.19
C SER B 194 55.69 -10.36 -8.53
N GLY B 195 54.99 -9.23 -8.62
CA GLY B 195 54.99 -8.39 -9.80
C GLY B 195 54.31 -8.97 -11.04
N ASN B 196 53.46 -9.98 -10.85
CA ASN B 196 52.81 -10.67 -11.97
CA ASN B 196 52.82 -10.67 -11.96
C ASN B 196 51.31 -10.46 -11.99
N THR B 197 50.76 -10.25 -13.18
CA THR B 197 49.32 -10.09 -13.36
C THR B 197 48.64 -11.33 -13.94
N ASN B 198 49.41 -12.36 -14.25
CA ASN B 198 48.85 -13.53 -14.93
C ASN B 198 47.80 -14.24 -14.09
N ASP B 199 48.08 -14.43 -12.81
CA ASP B 199 47.19 -15.18 -11.95
C ASP B 199 45.86 -14.45 -11.74
N ILE B 200 45.92 -13.14 -11.49
CA ILE B 200 44.70 -12.39 -11.23
C ILE B 200 43.81 -12.29 -12.47
N LEU B 201 44.42 -12.17 -13.65
CA LEU B 201 43.63 -12.10 -14.86
C LEU B 201 42.98 -13.46 -15.16
N SER B 202 43.72 -14.55 -14.91
CA SER B 202 43.18 -15.89 -15.11
C SER B 202 42.03 -16.19 -14.14
N SER B 203 42.21 -15.81 -12.88
CA SER B 203 41.20 -16.02 -11.85
C SER B 203 39.97 -15.20 -12.18
N TRP B 204 40.16 -13.96 -12.62
CA TRP B 204 39.06 -13.11 -13.06
C TRP B 204 38.24 -13.81 -14.14
N ASN B 205 38.91 -14.42 -15.10
CA ASN B 205 38.19 -15.07 -16.21
C ASN B 205 37.36 -16.24 -15.72
N THR B 206 37.91 -17.01 -14.78
CA THR B 206 37.20 -18.13 -14.19
C THR B 206 35.97 -17.66 -13.42
N TRP B 207 36.15 -16.69 -12.53
CA TRP B 207 35.02 -16.14 -11.77
C TRP B 207 33.90 -15.58 -12.65
N THR B 208 34.24 -14.75 -13.65
CA THR B 208 33.20 -14.14 -14.46
C THR B 208 32.43 -15.12 -15.33
N SER B 209 33.07 -16.23 -15.69
CA SER B 209 32.44 -17.17 -16.61
C SER B 209 31.80 -18.37 -15.90
N SER B 210 31.86 -18.37 -14.57
CA SER B 210 31.39 -19.50 -13.77
C SER B 210 30.49 -19.09 -12.60
N THR B 211 30.01 -17.86 -12.61
CA THR B 211 29.20 -17.36 -11.51
C THR B 211 27.85 -16.82 -11.99
N THR B 212 26.77 -17.32 -11.39
CA THR B 212 25.46 -16.81 -11.69
C THR B 212 25.20 -15.53 -10.88
N ALA B 213 25.54 -14.40 -11.47
CA ALA B 213 25.28 -13.09 -10.88
C ALA B 213 25.15 -12.02 -11.94
N GLY B 214 24.55 -10.89 -11.59
CA GLY B 214 24.40 -9.81 -12.54
C GLY B 214 25.75 -9.20 -12.91
N LYS B 215 26.48 -8.77 -11.89
CA LYS B 215 27.75 -8.08 -12.10
C LYS B 215 28.83 -8.64 -11.18
N ILE B 216 30.05 -8.65 -11.70
CA ILE B 216 31.21 -9.16 -11.00
C ILE B 216 32.21 -8.01 -10.79
N PHE B 217 32.73 -7.88 -9.57
CA PHE B 217 33.59 -6.76 -9.21
C PHE B 217 34.98 -7.25 -8.78
N LEU B 218 36.02 -6.47 -9.12
CA LEU B 218 37.38 -6.80 -8.72
C LEU B 218 37.66 -6.23 -7.35
N GLY B 219 37.72 -7.10 -6.33
CA GLY B 219 37.95 -6.64 -4.97
C GLY B 219 39.43 -6.54 -4.59
N LEU B 220 39.82 -5.40 -4.04
CA LEU B 220 41.23 -5.07 -3.75
C LEU B 220 41.41 -4.34 -2.44
N PRO B 221 42.61 -4.44 -1.84
CA PRO B 221 42.98 -3.59 -0.70
C PRO B 221 43.24 -2.16 -1.16
N ALA B 222 42.76 -1.17 -0.41
CA ALA B 222 42.90 0.22 -0.85
C ALA B 222 44.29 0.77 -0.55
N ALA B 223 45.07 0.02 0.24
CA ALA B 223 46.43 0.40 0.61
C ALA B 223 47.20 -0.85 1.02
N PRO B 224 48.54 -0.79 1.03
CA PRO B 224 49.32 -1.95 1.47
C PRO B 224 48.98 -2.42 2.88
N GLU B 225 48.61 -1.49 3.76
CA GLU B 225 48.32 -1.89 5.13
CA GLU B 225 48.27 -1.77 5.15
C GLU B 225 46.88 -2.38 5.33
N ALA B 226 46.10 -2.40 4.26
CA ALA B 226 44.69 -2.84 4.33
C ALA B 226 44.53 -4.36 4.33
N ALA B 227 45.57 -5.06 3.91
CA ALA B 227 45.53 -6.53 3.81
C ALA B 227 46.92 -7.10 4.03
N GLY B 228 47.00 -8.42 4.21
CA GLY B 228 48.28 -9.09 4.34
C GLY B 228 49.06 -9.10 3.04
N SER B 229 48.35 -9.20 1.91
CA SER B 229 48.98 -9.27 0.59
C SER B 229 47.94 -8.98 -0.48
N GLY B 230 48.40 -8.57 -1.66
CA GLY B 230 47.52 -8.38 -2.81
C GLY B 230 47.34 -6.94 -3.28
N TYR B 231 47.90 -5.98 -2.55
CA TYR B 231 47.79 -4.58 -2.97
C TYR B 231 48.40 -4.35 -4.35
N ILE B 232 47.68 -3.63 -5.20
CA ILE B 232 48.15 -3.30 -6.55
C ILE B 232 48.34 -1.80 -6.65
N PRO B 233 49.57 -1.35 -6.95
CA PRO B 233 49.78 0.09 -7.21
C PRO B 233 48.80 0.58 -8.27
N PRO B 234 48.25 1.79 -8.09
CA PRO B 234 47.16 2.22 -8.97
C PRO B 234 47.54 2.27 -10.45
N ASP B 235 48.78 2.67 -10.74
CA ASP B 235 49.31 2.68 -12.10
CA ASP B 235 49.20 2.70 -12.14
C ASP B 235 49.25 1.31 -12.77
N VAL B 236 49.57 0.28 -11.99
CA VAL B 236 49.50 -1.10 -12.51
C VAL B 236 48.03 -1.49 -12.74
N LEU B 237 47.15 -1.15 -11.80
CA LEU B 237 45.74 -1.45 -11.95
C LEU B 237 45.13 -0.84 -13.21
N THR B 238 45.34 0.47 -13.41
CA THR B 238 44.69 1.19 -14.49
C THR B 238 45.36 0.91 -15.84
N GLY B 239 46.65 0.61 -15.80
CA GLY B 239 47.41 0.38 -17.03
C GLY B 239 47.41 -1.06 -17.52
N GLN B 240 47.32 -2.02 -16.60
CA GLN B 240 47.51 -3.42 -16.95
C GLN B 240 46.34 -4.34 -16.62
N ILE B 241 45.53 -3.98 -15.64
CA ILE B 241 44.42 -4.87 -15.25
C ILE B 241 43.03 -4.41 -15.73
N LEU B 242 42.64 -3.19 -15.38
CA LEU B 242 41.37 -2.64 -15.83
C LEU B 242 41.10 -2.72 -17.33
N PRO B 243 42.08 -2.37 -18.19
CA PRO B 243 41.73 -2.41 -19.62
C PRO B 243 41.37 -3.82 -20.12
N GLN B 244 41.93 -4.86 -19.49
CA GLN B 244 41.57 -6.24 -19.82
C GLN B 244 40.24 -6.66 -19.21
N ILE B 245 40.10 -6.50 -17.89
CA ILE B 245 38.87 -6.99 -17.25
C ILE B 245 37.62 -6.24 -17.68
N LYS B 246 37.78 -5.00 -18.15
CA LYS B 246 36.64 -4.23 -18.61
C LYS B 246 36.05 -4.77 -19.92
N THR B 247 36.77 -5.66 -20.59
CA THR B 247 36.23 -6.29 -21.80
C THR B 247 35.24 -7.41 -21.47
N SER B 248 35.14 -7.75 -20.18
CA SER B 248 34.18 -8.77 -19.74
CA SER B 248 34.18 -8.77 -19.74
C SER B 248 32.75 -8.26 -19.78
N ALA B 249 31.83 -9.10 -20.27
CA ALA B 249 30.42 -8.74 -20.33
C ALA B 249 29.81 -8.64 -18.93
N LYS B 250 30.51 -9.19 -17.94
CA LYS B 250 30.01 -9.23 -16.57
C LYS B 250 30.67 -8.19 -15.66
N TYR B 251 31.63 -7.43 -16.20
CA TYR B 251 32.35 -6.44 -15.38
C TYR B 251 31.44 -5.38 -14.79
N GLY B 252 31.50 -5.22 -13.48
CA GLY B 252 30.68 -4.22 -12.81
C GLY B 252 31.47 -3.07 -12.20
N GLY B 253 32.76 -3.29 -11.97
CA GLY B 253 33.59 -2.28 -11.34
C GLY B 253 34.61 -2.84 -10.36
N VAL B 254 34.94 -2.04 -9.35
CA VAL B 254 36.00 -2.34 -8.40
C VAL B 254 35.43 -2.22 -7.00
N MET B 255 35.77 -3.16 -6.13
CA MET B 255 35.45 -3.07 -4.71
C MET B 255 36.73 -2.82 -3.93
N LEU B 256 36.64 -1.97 -2.91
CA LEU B 256 37.80 -1.65 -2.09
C LEU B 256 37.56 -1.95 -0.62
N TYR B 257 38.56 -2.59 0.01
CA TYR B 257 38.60 -2.70 1.46
C TYR B 257 39.74 -1.79 1.94
N SER B 258 39.48 -0.72 2.71
CA SER B 258 38.16 -0.26 3.12
CA SER B 258 38.17 -0.27 3.14
C SER B 258 38.24 1.26 3.17
N LYS B 259 37.16 1.93 3.58
CA LYS B 259 37.16 3.40 3.60
C LYS B 259 38.36 3.99 4.37
N PHE B 260 38.71 3.41 5.51
CA PHE B 260 39.83 3.93 6.30
C PHE B 260 41.12 4.06 5.49
N TYR B 261 41.35 3.10 4.60
CA TYR B 261 42.59 3.02 3.84
C TYR B 261 42.50 3.72 2.49
N ASP B 262 41.31 4.22 2.17
CA ASP B 262 41.03 4.80 0.85
C ASP B 262 41.08 6.33 0.88
N THR B 263 42.21 6.87 1.31
CA THR B 263 42.40 8.32 1.29
C THR B 263 42.72 8.83 -0.12
N THR B 264 43.34 7.98 -0.94
CA THR B 264 43.74 8.41 -2.29
C THR B 264 43.38 7.45 -3.43
N TYR B 265 43.22 6.17 -3.12
CA TYR B 265 43.17 5.13 -4.16
C TYR B 265 42.01 5.30 -5.14
N SER B 266 40.78 5.37 -4.62
CA SER B 266 39.63 5.57 -5.51
C SER B 266 39.68 6.92 -6.22
N THR B 267 40.25 7.94 -5.59
CA THR B 267 40.34 9.25 -6.26
C THR B 267 41.25 9.12 -7.47
N THR B 268 42.38 8.42 -7.28
CA THR B 268 43.35 8.21 -8.35
C THR B 268 42.77 7.41 -9.53
N ILE B 269 42.03 6.35 -9.23
CA ILE B 269 41.60 5.43 -10.30
C ILE B 269 40.20 5.70 -10.86
N LYS B 270 39.50 6.68 -10.31
CA LYS B 270 38.08 6.81 -10.58
CA LYS B 270 38.07 6.87 -10.57
C LYS B 270 37.67 6.93 -12.05
N ASP B 271 38.39 7.70 -12.86
CA ASP B 271 38.06 7.89 -14.27
CA ASP B 271 37.93 7.83 -14.24
C ASP B 271 38.31 6.65 -15.13
N GLN B 272 38.99 5.67 -14.55
CA GLN B 272 39.37 4.46 -15.29
C GLN B 272 38.47 3.26 -14.96
N VAL B 273 37.71 3.35 -13.88
CA VAL B 273 36.85 2.25 -13.44
C VAL B 273 35.64 2.09 -14.35
N GLY C 1 -29.69 -1.97 16.30
CA GLY C 1 -28.65 -0.97 16.40
C GLY C 1 -27.27 -1.55 16.67
N ASP C 2 -26.24 -0.70 16.58
CA ASP C 2 -24.85 -1.08 16.82
C ASP C 2 -24.32 -0.49 18.11
N ILE C 3 -23.16 -0.99 18.55
CA ILE C 3 -22.47 -0.41 19.70
C ILE C 3 -21.14 0.20 19.27
N ALA C 4 -20.89 1.45 19.69
CA ALA C 4 -19.60 2.09 19.46
C ALA C 4 -18.88 2.22 20.80
N ILE C 5 -17.55 2.12 20.80
CA ILE C 5 -16.84 2.24 22.07
C ILE C 5 -15.51 3.00 21.94
N TYR C 6 -15.15 3.75 22.98
CA TYR C 6 -13.85 4.41 23.04
C TYR C 6 -12.75 3.46 23.57
N TRP C 7 -11.58 3.54 22.97
CA TRP C 7 -10.43 2.72 23.37
C TRP C 7 -9.18 3.58 23.33
N GLY C 8 -8.25 3.33 24.26
CA GLY C 8 -6.93 3.93 24.16
C GLY C 8 -6.45 4.65 25.41
N GLN C 9 -7.37 4.91 26.35
CA GLN C 9 -7.01 5.70 27.52
C GLN C 9 -6.76 4.89 28.79
N ASN C 10 -6.70 3.57 28.69
CA ASN C 10 -6.27 2.73 29.81
C ASN C 10 -5.53 1.47 29.36
N GLY C 11 -4.25 1.36 29.73
CA GLY C 11 -3.42 0.25 29.30
C GLY C 11 -3.85 -1.14 29.74
N GLY C 12 -4.80 -1.22 30.67
CA GLY C 12 -5.29 -2.51 31.12
C GLY C 12 -6.58 -2.95 30.46
N GLU C 13 -7.01 -2.22 29.43
CA GLU C 13 -8.34 -2.47 28.86
C GLU C 13 -8.29 -3.51 27.75
N GLY C 14 -7.11 -4.09 27.52
CA GLY C 14 -6.93 -5.04 26.46
C GLY C 14 -6.44 -4.37 25.21
N THR C 15 -5.89 -5.15 24.29
CA THR C 15 -5.41 -4.63 23.03
C THR C 15 -6.59 -4.15 22.17
N LEU C 16 -6.27 -3.34 21.17
CA LEU C 16 -7.28 -2.90 20.21
C LEU C 16 -7.87 -4.09 19.45
N ALA C 17 -7.00 -4.99 18.99
CA ALA C 17 -7.45 -6.21 18.32
C ALA C 17 -8.39 -7.05 19.17
N SER C 18 -8.09 -7.17 20.47
CA SER C 18 -8.94 -7.93 21.39
CA SER C 18 -8.95 -7.95 21.36
C SER C 18 -10.31 -7.27 21.50
N THR C 19 -10.31 -5.94 21.52
CA THR C 19 -11.53 -5.18 21.64
C THR C 19 -12.42 -5.42 20.42
N CYS C 20 -11.82 -5.45 19.24
CA CYS C 20 -12.57 -5.74 18.04
C CYS C 20 -13.07 -7.18 18.04
N ASP C 21 -12.23 -8.09 18.53
CA ASP C 21 -12.56 -9.51 18.53
C ASP C 21 -13.70 -9.92 19.47
N THR C 22 -14.07 -9.04 20.41
CA THR C 22 -15.19 -9.34 21.29
C THR C 22 -16.48 -9.57 20.50
N GLY C 23 -16.61 -8.88 19.37
CA GLY C 23 -17.80 -8.98 18.53
C GLY C 23 -18.93 -8.07 18.96
N ARG C 24 -18.71 -7.33 20.04
CA ARG C 24 -19.73 -6.43 20.57
C ARG C 24 -19.90 -5.15 19.74
N TYR C 25 -18.84 -4.73 19.05
CA TYR C 25 -18.77 -3.36 18.54
C TYR C 25 -18.71 -3.24 17.02
N ALA C 26 -19.38 -2.22 16.49
CA ALA C 26 -19.29 -1.90 15.07
C ALA C 26 -18.30 -0.76 14.82
N TYR C 27 -18.03 0.02 15.87
CA TYR C 27 -17.09 1.13 15.80
C TYR C 27 -16.19 1.10 17.01
N VAL C 28 -14.89 1.19 16.77
CA VAL C 28 -13.93 1.39 17.87
C VAL C 28 -13.20 2.72 17.66
N ILE C 29 -13.27 3.57 18.68
CA ILE C 29 -12.74 4.92 18.59
C ILE C 29 -11.44 5.04 19.38
N VAL C 30 -10.32 5.00 18.65
CA VAL C 30 -8.99 5.20 19.23
C VAL C 30 -8.86 6.63 19.72
N SER C 31 -8.38 6.81 20.95
CA SER C 31 -8.39 8.12 21.60
C SER C 31 -7.12 8.33 22.43
N PHE C 32 -6.46 9.50 22.37
CA PHE C 32 -6.90 10.74 21.72
C PHE C 32 -5.71 11.48 21.09
N VAL C 33 -5.97 12.33 20.09
CA VAL C 33 -5.04 13.42 19.76
C VAL C 33 -5.35 14.52 20.77
N THR C 34 -4.54 14.63 21.82
CA THR C 34 -4.88 15.46 22.99
C THR C 34 -4.51 16.91 22.79
N THR C 35 -3.53 17.16 21.92
CA THR C 35 -3.00 18.50 21.74
C THR C 35 -2.96 18.85 20.26
N PHE C 36 -3.57 19.97 19.89
CA PHE C 36 -3.51 20.46 18.52
C PHE C 36 -3.96 21.90 18.38
N GLY C 37 -3.61 22.51 17.24
CA GLY C 37 -4.05 23.86 16.95
C GLY C 37 -2.96 24.88 17.23
N ASN C 38 -3.20 26.13 16.81
CA ASN C 38 -2.22 27.21 16.92
C ASN C 38 -0.90 26.83 16.23
N PHE C 39 -1.03 26.08 15.14
CA PHE C 39 0.11 25.57 14.37
C PHE C 39 1.15 24.78 15.17
N ARG C 40 0.71 24.17 16.27
CA ARG C 40 1.58 23.35 17.10
C ARG C 40 1.65 21.93 16.58
N ALA C 41 2.74 21.24 16.89
CA ALA C 41 2.84 19.82 16.56
C ALA C 41 1.85 19.04 17.42
N PRO C 42 0.90 18.33 16.80
CA PRO C 42 -0.04 17.59 17.64
C PRO C 42 0.60 16.52 18.53
N VAL C 43 -0.07 16.22 19.65
CA VAL C 43 0.37 15.15 20.55
C VAL C 43 -0.69 14.06 20.60
N VAL C 44 -0.24 12.82 20.43
CA VAL C 44 -1.12 11.65 20.53
C VAL C 44 -0.84 10.89 21.82
N ASN C 45 -1.88 10.59 22.57
CA ASN C 45 -1.73 9.87 23.83
C ASN C 45 -2.57 8.60 23.85
N LEU C 46 -1.92 7.49 24.17
CA LEU C 46 -2.63 6.22 24.31
C LEU C 46 -2.35 5.62 25.69
N ALA C 47 -2.26 6.51 26.68
CA ALA C 47 -2.09 6.11 28.08
C ALA C 47 -0.95 5.10 28.21
N GLY C 48 -1.18 4.00 28.93
CA GLY C 48 -0.15 3.00 29.14
C GLY C 48 -0.16 1.82 28.17
N HIS C 49 -0.66 2.06 26.95
CA HIS C 49 -0.62 1.05 25.89
C HIS C 49 0.74 1.07 25.18
N CYS C 50 1.17 2.28 24.80
CA CYS C 50 2.38 2.48 24.03
C CYS C 50 2.60 3.98 23.96
N ASP C 51 3.71 4.42 23.37
CA ASP C 51 4.07 5.83 23.35
C ASP C 51 4.24 6.30 21.92
N PRO C 52 3.22 6.99 21.37
CA PRO C 52 3.26 7.40 19.96
C PRO C 52 4.50 8.23 19.59
N ALA C 53 4.88 9.17 20.43
CA ALA C 53 6.01 10.03 20.13
C ALA C 53 7.32 9.24 20.06
N ALA C 54 7.41 8.21 20.88
CA ALA C 54 8.61 7.36 20.94
C ALA C 54 8.64 6.33 19.82
N GLY C 55 7.54 6.25 19.07
CA GLY C 55 7.45 5.37 17.92
C GLY C 55 7.09 3.93 18.24
N THR C 56 6.57 3.69 19.44
CA THR C 56 6.28 2.33 19.89
C THR C 56 4.82 1.90 19.69
N CYS C 57 4.05 2.67 18.92
CA CYS C 57 2.67 2.32 18.62
C CYS C 57 2.43 1.85 17.18
N THR C 58 3.48 1.70 16.39
CA THR C 58 3.31 1.35 14.98
C THR C 58 2.80 -0.08 14.77
N GLY C 59 2.94 -0.91 15.80
CA GLY C 59 2.41 -2.27 15.75
C GLY C 59 0.90 -2.31 15.77
N LEU C 60 0.29 -1.19 16.13
CA LEU C 60 -1.17 -1.09 16.13
C LEU C 60 -1.78 -1.23 14.73
N SER C 61 -0.99 -0.95 13.70
CA SER C 61 -1.49 -1.06 12.33
C SER C 61 -1.98 -2.48 12.01
N ASP C 62 -1.28 -3.49 12.51
CA ASP C 62 -1.73 -4.88 12.34
C ASP C 62 -3.07 -5.11 13.03
N GLU C 63 -3.27 -4.47 14.19
CA GLU C 63 -4.52 -4.61 14.94
C GLU C 63 -5.64 -3.84 14.27
N ILE C 64 -5.32 -2.67 13.72
CA ILE C 64 -6.30 -1.89 12.96
C ILE C 64 -6.77 -2.67 11.73
N ARG C 65 -5.83 -3.27 11.01
CA ARG C 65 -6.19 -4.09 9.85
C ARG C 65 -7.06 -5.28 10.24
N SER C 66 -6.70 -5.94 11.35
CA SER C 66 -7.49 -7.06 11.85
CA SER C 66 -7.48 -7.06 11.85
C SER C 66 -8.90 -6.63 12.17
N CYS C 67 -9.05 -5.46 12.80
CA CYS C 67 -10.35 -4.92 13.11
C CYS C 67 -11.16 -4.71 11.84
N GLN C 68 -10.51 -4.13 10.84
CA GLN C 68 -11.19 -3.75 9.60
C GLN C 68 -11.62 -4.98 8.80
N GLY C 69 -10.87 -6.09 8.96
CA GLY C 69 -11.22 -7.35 8.33
C GLY C 69 -12.49 -7.94 8.91
N LYS C 70 -12.84 -7.51 10.12
CA LYS C 70 -14.06 -7.96 10.75
C LYS C 70 -15.17 -6.92 10.63
N ASP C 71 -15.02 -6.05 9.63
CA ASP C 71 -16.02 -5.07 9.25
C ASP C 71 -16.30 -4.05 10.37
N ILE C 72 -15.28 -3.79 11.18
CA ILE C 72 -15.39 -2.79 12.24
C ILE C 72 -14.74 -1.50 11.75
N LYS C 73 -15.38 -0.37 12.02
CA LYS C 73 -14.79 0.92 11.67
C LYS C 73 -13.89 1.39 12.80
N VAL C 74 -12.65 1.68 12.46
CA VAL C 74 -11.68 2.21 13.42
C VAL C 74 -11.47 3.72 13.19
N LEU C 75 -11.88 4.52 14.18
CA LEU C 75 -11.81 5.98 14.08
C LEU C 75 -10.69 6.51 14.96
N MET C 76 -10.15 7.68 14.60
CA MET C 76 -9.23 8.36 15.50
C MET C 76 -9.92 9.59 16.07
N SER C 77 -9.93 9.70 17.39
CA SER C 77 -10.62 10.82 18.03
C SER C 77 -9.68 11.97 18.33
N ILE C 78 -10.13 13.18 18.00
CA ILE C 78 -9.39 14.39 18.35
C ILE C 78 -10.05 15.08 19.56
N GLY C 79 -9.21 15.50 20.50
CA GLY C 79 -9.69 16.24 21.65
C GLY C 79 -9.79 15.42 22.90
N GLY C 80 -11.00 15.20 23.37
CA GLY C 80 -11.23 14.49 24.59
C GLY C 80 -11.36 15.42 25.78
N GLY C 81 -11.73 14.84 26.93
CA GLY C 81 -11.97 15.62 28.13
C GLY C 81 -10.77 16.31 28.76
N ALA C 82 -9.55 15.88 28.45
CA ALA C 82 -8.36 16.40 29.17
C ALA C 82 -7.33 17.21 28.34
N GLY C 83 -7.57 17.42 27.06
CA GLY C 83 -6.51 17.94 26.22
C GLY C 83 -6.30 19.44 26.21
N ASP C 84 -5.37 19.87 25.36
CA ASP C 84 -5.11 21.29 25.17
C ASP C 84 -5.20 21.55 23.68
N TYR C 85 -6.32 22.13 23.25
CA TYR C 85 -6.58 22.27 21.82
C TYR C 85 -7.52 23.43 21.56
N SER C 86 -7.34 24.04 20.38
CA SER C 86 -8.19 25.12 19.86
C SER C 86 -7.67 25.46 18.46
N LEU C 87 -8.58 25.70 17.52
CA LEU C 87 -8.18 26.14 16.20
C LEU C 87 -8.30 27.67 16.16
N VAL C 88 -7.24 28.34 15.70
CA VAL C 88 -7.17 29.80 15.82
C VAL C 88 -7.47 30.56 14.54
N SER C 89 -7.64 29.84 13.43
CA SER C 89 -7.92 30.47 12.15
C SER C 89 -8.27 29.41 11.14
N GLU C 90 -8.80 29.82 10.00
CA GLU C 90 -9.11 28.86 8.94
CA GLU C 90 -9.11 28.86 8.94
CA GLU C 90 -9.11 28.86 8.94
C GLU C 90 -7.84 28.16 8.47
N ALA C 91 -6.75 28.92 8.38
CA ALA C 91 -5.47 28.34 7.96
C ALA C 91 -4.95 27.29 8.94
N ASP C 92 -5.21 27.51 10.24
CA ASP C 92 -4.87 26.56 11.29
C ASP C 92 -5.69 25.29 11.09
N ALA C 93 -6.97 25.44 10.77
CA ALA C 93 -7.84 24.28 10.53
C ALA C 93 -7.33 23.48 9.33
N ASP C 94 -6.91 24.15 8.28
CA ASP C 94 -6.40 23.48 7.09
CA ASP C 94 -6.40 23.48 7.10
C ASP C 94 -5.11 22.73 7.43
N ASN C 95 -4.25 23.37 8.22
CA ASN C 95 -3.00 22.73 8.64
C ASN C 95 -3.27 21.44 9.41
N PHE C 96 -4.25 21.49 10.31
CA PHE C 96 -4.57 20.31 11.11
C PHE C 96 -5.25 19.24 10.25
N ALA C 97 -6.08 19.66 9.30
CA ALA C 97 -6.73 18.69 8.43
C ALA C 97 -5.69 17.92 7.64
N ASP C 98 -4.68 18.62 7.13
CA ASP C 98 -3.59 17.98 6.42
C ASP C 98 -2.84 17.02 7.35
N TYR C 99 -2.64 17.43 8.60
CA TYR C 99 -1.97 16.55 9.56
C TYR C 99 -2.71 15.24 9.73
N LEU C 100 -4.04 15.32 9.89
CA LEU C 100 -4.85 14.13 10.10
C LEU C 100 -4.85 13.26 8.84
N TRP C 101 -4.93 13.90 7.67
CA TRP C 101 -4.93 13.17 6.41
C TRP C 101 -3.62 12.40 6.26
N ASN C 102 -2.51 13.10 6.48
CA ASN C 102 -1.18 12.53 6.29
C ASN C 102 -0.72 11.54 7.37
N ASN C 103 -1.28 11.65 8.56
CA ASN C 103 -0.86 10.79 9.66
C ASN C 103 -1.78 9.65 10.02
N PHE C 104 -3.06 9.79 9.72
CA PHE C 104 -4.03 8.73 10.04
C PHE C 104 -4.84 8.23 8.85
N LEU C 105 -4.87 9.00 7.75
CA LEU C 105 -5.74 8.66 6.62
C LEU C 105 -4.91 8.36 5.36
N GLY C 106 -5.36 8.83 4.20
CA GLY C 106 -4.78 8.42 2.92
C GLY C 106 -3.58 9.21 2.41
N GLY C 107 -2.99 10.02 3.29
CA GLY C 107 -1.84 10.81 2.91
C GLY C 107 -0.54 10.17 3.33
N GLN C 108 0.45 10.97 3.69
CA GLN C 108 1.77 10.44 3.96
CA GLN C 108 1.76 10.44 3.98
C GLN C 108 2.53 11.26 4.98
N SER C 109 3.29 10.60 5.84
CA SER C 109 4.17 11.29 6.78
C SER C 109 5.30 10.37 7.23
N SER C 110 6.39 10.97 7.70
CA SER C 110 7.53 10.18 8.12
C SER C 110 7.35 9.60 9.52
N SER C 111 6.24 9.92 10.16
CA SER C 111 6.03 9.53 11.56
C SER C 111 4.56 9.26 11.90
N ARG C 112 3.87 8.47 11.07
CA ARG C 112 2.49 8.10 11.38
C ARG C 112 2.46 7.41 12.74
N PRO C 113 1.71 7.99 13.69
CA PRO C 113 1.72 7.53 15.09
C PRO C 113 1.40 6.04 15.26
N LEU C 114 0.45 5.53 14.47
CA LEU C 114 -0.02 4.16 14.64
C LEU C 114 0.42 3.23 13.51
N GLY C 115 1.29 3.73 12.63
CA GLY C 115 1.80 2.94 11.53
C GLY C 115 1.12 3.23 10.20
N ASP C 116 1.30 2.34 9.22
CA ASP C 116 0.86 2.62 7.85
C ASP C 116 -0.61 2.27 7.57
N ALA C 117 -1.32 1.71 8.55
CA ALA C 117 -2.75 1.43 8.39
C ALA C 117 -3.52 2.72 8.15
N VAL C 118 -4.56 2.64 7.31
CA VAL C 118 -5.42 3.79 7.05
C VAL C 118 -6.68 3.67 7.91
N LEU C 119 -6.86 4.64 8.82
CA LEU C 119 -8.01 4.64 9.71
C LEU C 119 -9.29 4.95 8.91
N ASP C 120 -10.45 4.66 9.49
CA ASP C 120 -11.71 4.82 8.75
C ASP C 120 -12.31 6.22 8.87
N GLY C 121 -11.72 7.06 9.71
CA GLY C 121 -12.22 8.42 9.85
C GLY C 121 -11.83 9.10 11.14
N ILE C 122 -12.47 10.24 11.40
CA ILE C 122 -12.09 11.11 12.50
C ILE C 122 -13.28 11.40 13.40
N ASP C 123 -13.10 11.22 14.70
CA ASP C 123 -14.13 11.54 15.69
C ASP C 123 -13.85 12.89 16.34
N PHE C 124 -14.81 13.81 16.22
CA PHE C 124 -14.67 15.14 16.80
C PHE C 124 -15.16 15.13 18.25
N ASP C 125 -14.26 14.89 19.19
CA ASP C 125 -14.63 14.90 20.60
C ASP C 125 -14.20 16.23 21.24
N ILE C 126 -14.84 17.30 20.82
CA ILE C 126 -14.43 18.65 21.20
C ILE C 126 -15.17 19.06 22.48
N GLU C 127 -14.45 19.08 23.59
CA GLU C 127 -15.10 19.32 24.89
C GLU C 127 -14.60 20.60 25.55
N LEU C 128 -13.39 21.01 25.16
CA LEU C 128 -12.64 22.09 25.80
C LEU C 128 -12.19 23.11 24.76
N GLY C 129 -11.80 24.29 25.20
CA GLY C 129 -11.25 25.28 24.29
C GLY C 129 -12.27 26.14 23.58
N THR C 130 -11.81 26.82 22.53
CA THR C 130 -12.71 27.64 21.71
C THR C 130 -13.63 26.78 20.83
N THR C 131 -14.59 27.44 20.18
CA THR C 131 -15.62 26.71 19.45
C THR C 131 -15.56 26.95 17.95
N THR C 132 -14.54 27.66 17.48
CA THR C 132 -14.46 28.10 16.09
C THR C 132 -13.65 27.17 15.17
N PHE C 133 -14.05 27.14 13.89
CA PHE C 133 -13.32 26.47 12.79
C PHE C 133 -13.43 24.93 12.70
N TYR C 134 -14.26 24.31 13.52
CA TYR C 134 -14.49 22.88 13.39
C TYR C 134 -15.34 22.59 12.17
N ASP C 135 -16.15 23.57 11.75
CA ASP C 135 -16.81 23.44 10.46
C ASP C 135 -15.79 23.45 9.31
N THR C 136 -14.79 24.32 9.40
CA THR C 136 -13.71 24.36 8.42
C THR C 136 -13.00 23.01 8.36
N LEU C 137 -12.67 22.45 9.52
CA LEU C 137 -12.00 21.15 9.60
C LEU C 137 -12.85 20.04 8.99
N ALA C 138 -14.14 20.01 9.35
CA ALA C 138 -15.05 19.02 8.80
C ALA C 138 -15.11 19.06 7.27
N ARG C 139 -15.23 20.26 6.72
CA ARG C 139 -15.30 20.40 5.27
C ARG C 139 -14.02 19.89 4.60
N ALA C 140 -12.87 20.23 5.18
CA ALA C 140 -11.59 19.80 4.63
C ALA C 140 -11.42 18.28 4.63
N LEU C 141 -11.75 17.64 5.75
CA LEU C 141 -11.70 16.18 5.82
C LEU C 141 -12.72 15.47 4.91
N SER C 142 -13.96 15.94 4.91
CA SER C 142 -15.00 15.32 4.09
C SER C 142 -14.63 15.31 2.61
N SER C 143 -13.96 16.36 2.16
CA SER C 143 -13.56 16.51 0.76
CA SER C 143 -13.60 16.48 0.75
C SER C 143 -12.62 15.40 0.30
N ARG C 144 -11.94 14.77 1.25
CA ARG C 144 -10.98 13.71 0.89
C ARG C 144 -11.56 12.31 0.92
N SER C 145 -12.81 12.20 1.35
CA SER C 145 -13.48 10.91 1.42
C SER C 145 -13.79 10.42 0.01
N THR C 146 -13.66 9.10 -0.20
CA THR C 146 -14.07 8.47 -1.46
C THR C 146 -14.97 7.28 -1.15
N GLN C 147 -15.59 6.69 -2.18
CA GLN C 147 -16.44 5.53 -1.96
C GLN C 147 -15.66 4.30 -1.51
N ALA C 148 -14.47 4.11 -2.07
CA ALA C 148 -13.65 2.94 -1.76
C ALA C 148 -12.77 3.16 -0.54
N ALA C 149 -12.58 4.42 -0.16
CA ALA C 149 -11.86 4.74 1.07
C ALA C 149 -12.60 5.85 1.78
N LYS C 150 -13.72 5.51 2.43
CA LYS C 150 -14.51 6.50 3.11
CA LYS C 150 -14.51 6.51 3.12
C LYS C 150 -13.75 7.08 4.30
N VAL C 151 -13.87 8.40 4.46
CA VAL C 151 -13.42 9.08 5.67
C VAL C 151 -14.69 9.41 6.44
N TYR C 152 -15.01 8.57 7.42
CA TYR C 152 -16.15 8.83 8.29
C TYR C 152 -15.89 10.06 9.15
N LEU C 153 -16.93 10.85 9.38
CA LEU C 153 -16.86 11.95 10.34
CA LEU C 153 -16.88 11.97 10.32
C LEU C 153 -17.87 11.70 11.43
N THR C 154 -17.37 11.65 12.67
CA THR C 154 -18.26 11.43 13.80
C THR C 154 -18.01 12.52 14.84
N ALA C 155 -18.95 12.67 15.76
CA ALA C 155 -18.86 13.75 16.75
C ALA C 155 -19.45 13.30 18.07
N ALA C 156 -18.91 13.83 19.16
CA ALA C 156 -19.34 13.45 20.51
C ALA C 156 -19.69 14.67 21.38
N PRO C 157 -20.80 15.34 21.04
CA PRO C 157 -21.23 16.50 21.84
C PRO C 157 -21.75 16.09 23.21
N GLN C 158 -21.78 17.05 24.14
CA GLN C 158 -22.41 16.82 25.45
C GLN C 158 -23.90 16.93 25.27
N CYS C 159 -24.67 16.39 26.22
CA CYS C 159 -26.13 16.39 26.05
C CYS C 159 -26.86 17.75 26.05
N PRO C 160 -26.30 18.80 26.68
CA PRO C 160 -27.01 20.09 26.52
C PRO C 160 -27.11 20.55 25.05
N HIS C 161 -28.32 20.89 24.60
CA HIS C 161 -28.51 21.26 23.19
C HIS C 161 -28.95 22.71 23.00
N PRO C 162 -28.36 23.41 22.02
CA PRO C 162 -27.27 22.95 21.11
C PRO C 162 -25.93 22.88 21.84
N ASP C 163 -25.03 22.03 21.31
CA ASP C 163 -23.69 21.95 21.87
C ASP C 163 -22.84 23.03 21.25
N SER C 164 -22.29 23.92 22.07
CA SER C 164 -21.58 25.08 21.53
C SER C 164 -20.31 24.72 20.75
N HIS C 165 -19.60 23.68 21.19
CA HIS C 165 -18.37 23.30 20.50
C HIS C 165 -18.59 22.67 19.13
N LEU C 166 -19.72 21.97 18.97
CA LEU C 166 -19.91 21.16 17.76
C LEU C 166 -21.08 21.61 16.89
N ASP C 167 -21.87 22.57 17.35
CA ASP C 167 -23.06 22.97 16.59
C ASP C 167 -22.74 23.41 15.17
N ALA C 168 -21.76 24.29 15.00
CA ALA C 168 -21.41 24.75 13.65
C ALA C 168 -20.91 23.60 12.77
N ALA C 169 -20.09 22.71 13.35
CA ALA C 169 -19.64 21.55 12.61
C ALA C 169 -20.80 20.66 12.18
N LEU C 170 -21.70 20.39 13.12
CA LEU C 170 -22.87 19.55 12.83
C LEU C 170 -23.76 20.20 11.78
N ASN C 171 -23.83 21.53 11.81
CA ASN C 171 -24.69 22.28 10.88
C ASN C 171 -24.23 22.19 9.42
N THR C 172 -23.00 21.70 9.18
CA THR C 172 -22.54 21.52 7.81
C THR C 172 -23.25 20.34 7.15
N GLY C 173 -23.86 19.49 7.96
CA GLY C 173 -24.56 18.31 7.49
C GLY C 173 -23.64 17.17 7.10
N LEU C 174 -22.34 17.32 7.36
CA LEU C 174 -21.34 16.36 6.90
C LEU C 174 -21.11 15.14 7.80
N PHE C 175 -21.70 15.14 8.99
CA PHE C 175 -21.40 14.07 9.94
C PHE C 175 -22.18 12.77 9.73
N ASP C 176 -21.45 11.66 9.77
CA ASP C 176 -22.09 10.35 9.59
C ASP C 176 -22.76 9.87 10.87
N ASN C 177 -22.04 9.90 11.98
CA ASN C 177 -22.58 9.45 13.24
C ASN C 177 -22.37 10.51 14.31
N VAL C 178 -23.38 10.73 15.13
CA VAL C 178 -23.25 11.61 16.29
C VAL C 178 -23.61 10.81 17.54
N TRP C 179 -22.66 10.66 18.46
CA TRP C 179 -22.95 10.00 19.73
C TRP C 179 -22.91 11.04 20.85
N ILE C 180 -24.08 11.30 21.41
CA ILE C 180 -24.25 12.39 22.37
C ILE C 180 -23.91 11.86 23.75
N GLN C 181 -23.15 12.64 24.52
CA GLN C 181 -22.73 12.18 25.84
C GLN C 181 -23.79 12.50 26.88
N PHE C 182 -24.58 11.50 27.24
CA PHE C 182 -25.56 11.67 28.29
C PHE C 182 -24.97 11.29 29.64
N TYR C 183 -23.87 11.96 29.99
CA TYR C 183 -23.19 11.74 31.26
C TYR C 183 -22.30 12.92 31.60
N ASN C 184 -21.84 13.00 32.85
CA ASN C 184 -20.99 14.10 33.31
C ASN C 184 -21.64 15.47 33.17
N ASN C 185 -22.97 15.50 33.06
CA ASN C 185 -23.69 16.77 33.05
C ASN C 185 -24.79 16.82 34.10
N PRO C 186 -24.44 16.61 35.38
CA PRO C 186 -25.48 16.48 36.40
C PRO C 186 -26.17 17.80 36.72
N LEU C 187 -25.54 18.92 36.37
CA LEU C 187 -26.11 20.22 36.65
C LEU C 187 -27.01 20.72 35.53
N ALA C 188 -27.03 19.98 34.42
CA ALA C 188 -27.99 20.28 33.35
C ALA C 188 -29.24 19.46 33.59
N GLN C 189 -30.07 19.29 32.55
CA GLN C 189 -31.26 18.46 32.66
CA GLN C 189 -31.25 18.44 32.67
C GLN C 189 -31.39 17.57 31.42
N CYS C 190 -30.36 16.77 31.16
CA CYS C 190 -30.37 15.96 29.95
C CYS C 190 -29.91 14.53 30.13
N GLN C 191 -29.43 14.17 31.32
CA GLN C 191 -28.95 12.80 31.54
C GLN C 191 -29.81 12.05 32.56
N TYR C 192 -29.59 10.75 32.66
CA TYR C 192 -30.32 9.93 33.61
C TYR C 192 -29.89 10.15 35.06
N SER C 193 -30.87 10.19 35.96
CA SER C 193 -30.60 10.03 37.39
C SER C 193 -31.71 9.15 37.95
N SER C 194 -31.50 8.59 39.14
CA SER C 194 -32.52 7.75 39.77
C SER C 194 -33.81 8.53 39.95
N GLY C 195 -34.91 7.96 39.48
CA GLY C 195 -36.21 8.61 39.56
C GLY C 195 -36.45 9.68 38.52
N ASN C 196 -35.47 9.91 37.65
CA ASN C 196 -35.58 10.94 36.62
C ASN C 196 -35.17 10.37 35.26
N THR C 197 -36.13 9.85 34.52
CA THR C 197 -35.85 9.31 33.19
C THR C 197 -36.22 10.25 32.07
N ASN C 198 -37.06 11.25 32.35
CA ASN C 198 -37.52 12.09 31.24
C ASN C 198 -36.54 13.14 30.74
N ASP C 199 -35.58 13.52 31.57
CA ASP C 199 -34.54 14.45 31.10
C ASP C 199 -33.79 13.87 29.91
N ILE C 200 -33.44 12.59 29.98
CA ILE C 200 -32.69 11.98 28.88
C ILE C 200 -33.58 11.70 27.67
N LEU C 201 -34.82 11.30 27.90
CA LEU C 201 -35.73 11.04 26.80
CA LEU C 201 -35.76 11.05 26.82
C LEU C 201 -36.06 12.33 26.05
N SER C 202 -36.30 13.42 26.78
CA SER C 202 -36.62 14.68 26.12
CA SER C 202 -36.61 14.71 26.16
C SER C 202 -35.40 15.28 25.44
N SER C 203 -34.23 15.08 26.02
CA SER C 203 -33.00 15.54 25.38
C SER C 203 -32.78 14.78 24.07
N TRP C 204 -32.94 13.46 24.12
CA TRP C 204 -32.82 12.63 22.92
C TRP C 204 -33.77 13.09 21.83
N ASN C 205 -35.02 13.35 22.20
CA ASN C 205 -36.01 13.81 21.23
C ASN C 205 -35.61 15.14 20.59
N THR C 206 -35.03 16.04 21.38
CA THR C 206 -34.59 17.33 20.87
C THR C 206 -33.43 17.16 19.90
N TRP C 207 -32.44 16.37 20.28
CA TRP C 207 -31.28 16.12 19.43
C TRP C 207 -31.65 15.49 18.09
N THR C 208 -32.50 14.46 18.12
CA THR C 208 -32.81 13.70 16.91
C THR C 208 -33.68 14.48 15.93
N SER C 209 -34.37 15.52 16.41
CA SER C 209 -35.20 16.34 15.52
C SER C 209 -34.55 17.65 15.13
N SER C 210 -33.29 17.85 15.54
CA SER C 210 -32.61 19.12 15.34
C SER C 210 -31.22 18.96 14.72
N THR C 211 -30.88 17.74 14.30
CA THR C 211 -29.51 17.47 13.87
C THR C 211 -29.51 16.69 12.57
N THR C 212 -28.76 17.16 11.59
CA THR C 212 -28.51 16.41 10.38
C THR C 212 -27.36 15.44 10.63
N ALA C 213 -27.63 14.15 10.55
CA ALA C 213 -26.62 13.12 10.78
C ALA C 213 -27.14 11.81 10.24
N GLY C 214 -26.24 10.97 9.74
CA GLY C 214 -26.65 9.67 9.24
C GLY C 214 -27.32 8.83 10.31
N LYS C 215 -26.65 8.72 11.45
CA LYS C 215 -27.16 7.99 12.62
C LYS C 215 -26.83 8.75 13.89
N ILE C 216 -27.71 8.68 14.87
CA ILE C 216 -27.45 9.29 16.17
C ILE C 216 -27.44 8.20 17.25
N PHE C 217 -26.41 8.23 18.09
CA PHE C 217 -26.21 7.19 19.10
C PHE C 217 -26.42 7.74 20.51
N LEU C 218 -26.94 6.87 21.38
CA LEU C 218 -27.11 7.19 22.80
C LEU C 218 -25.80 6.89 23.56
N GLY C 219 -25.09 7.93 23.96
CA GLY C 219 -23.78 7.77 24.60
C GLY C 219 -23.90 7.67 26.12
N LEU C 220 -23.30 6.62 26.69
CA LEU C 220 -23.47 6.30 28.12
C LEU C 220 -22.17 5.81 28.75
N PRO C 221 -22.05 5.92 30.08
CA PRO C 221 -20.89 5.30 30.74
C PRO C 221 -21.09 3.78 30.85
N ALA C 222 -20.04 2.99 30.68
CA ALA C 222 -20.20 1.53 30.71
C ALA C 222 -20.28 0.96 32.13
N ALA C 223 -19.99 1.80 33.12
CA ALA C 223 -19.96 1.37 34.51
C ALA C 223 -20.09 2.60 35.39
N PRO C 224 -20.52 2.42 36.66
CA PRO C 224 -20.64 3.57 37.56
C PRO C 224 -19.35 4.38 37.67
N GLU C 225 -18.20 3.72 37.54
CA GLU C 225 -16.91 4.38 37.70
C GLU C 225 -16.39 5.02 36.43
N ALA C 226 -17.08 4.78 35.31
CA ALA C 226 -16.61 5.27 34.01
C ALA C 226 -16.83 6.78 33.87
N ALA C 227 -17.76 7.32 34.64
CA ALA C 227 -18.07 8.75 34.61
C ALA C 227 -18.54 9.18 36.00
N GLY C 228 -18.58 10.49 36.23
CA GLY C 228 -19.03 11.00 37.52
C GLY C 228 -20.51 10.82 37.81
N SER C 229 -21.32 10.80 36.75
CA SER C 229 -22.77 10.73 36.87
C SER C 229 -23.33 10.33 35.51
N GLY C 230 -24.54 9.78 35.50
CA GLY C 230 -25.20 9.45 34.26
C GLY C 230 -25.33 7.95 33.98
N TYR C 231 -24.63 7.13 34.77
CA TYR C 231 -24.70 5.68 34.58
C TYR C 231 -26.13 5.15 34.72
N ILE C 232 -26.54 4.31 33.76
CA ILE C 232 -27.86 3.72 33.81
C ILE C 232 -27.74 2.21 33.99
N PRO C 233 -28.33 1.68 35.09
CA PRO C 233 -28.34 0.22 35.26
C PRO C 233 -28.98 -0.45 34.03
N PRO C 234 -28.39 -1.54 33.55
CA PRO C 234 -28.84 -2.08 32.26
C PRO C 234 -30.31 -2.49 32.24
N ASP C 235 -30.86 -2.96 33.37
CA ASP C 235 -32.28 -3.29 33.39
C ASP C 235 -33.17 -2.05 33.24
N VAL C 236 -32.68 -0.91 33.72
CA VAL C 236 -33.42 0.35 33.55
C VAL C 236 -33.30 0.80 32.09
N LEU C 237 -32.11 0.65 31.52
CA LEU C 237 -31.89 1.02 30.13
C LEU C 237 -32.81 0.23 29.20
N THR C 238 -32.79 -1.09 29.34
CA THR C 238 -33.52 -1.96 28.43
C THR C 238 -35.02 -1.91 28.72
N GLY C 239 -35.37 -1.67 29.98
CA GLY C 239 -36.76 -1.65 30.40
C GLY C 239 -37.47 -0.33 30.21
N GLN C 240 -36.79 0.77 30.50
CA GLN C 240 -37.41 2.09 30.45
C GLN C 240 -37.05 2.87 29.19
N ILE C 241 -35.76 2.90 28.87
CA ILE C 241 -35.23 3.88 27.94
CA ILE C 241 -35.21 3.89 27.95
C ILE C 241 -35.13 3.45 26.48
N LEU C 242 -34.47 2.31 26.23
CA LEU C 242 -34.30 1.84 24.85
C LEU C 242 -35.58 1.72 23.99
N PRO C 243 -36.69 1.20 24.55
CA PRO C 243 -37.90 1.13 23.71
C PRO C 243 -38.35 2.48 23.16
N GLN C 244 -38.15 3.56 23.92
CA GLN C 244 -38.54 4.89 23.44
C GLN C 244 -37.55 5.51 22.47
N ILE C 245 -36.26 5.43 22.76
CA ILE C 245 -35.27 6.04 21.86
C ILE C 245 -35.18 5.27 20.53
N LYS C 246 -35.45 3.96 20.55
CA LYS C 246 -35.39 3.19 19.31
C LYS C 246 -36.48 3.60 18.30
N THR C 247 -37.45 4.40 18.75
CA THR C 247 -38.51 4.89 17.86
C THR C 247 -38.04 6.00 16.92
N SER C 248 -36.85 6.55 17.18
CA SER C 248 -36.32 7.57 16.28
C SER C 248 -35.90 6.99 14.94
N ALA C 249 -36.20 7.74 13.87
CA ALA C 249 -35.81 7.37 12.51
C ALA C 249 -34.30 7.32 12.36
N LYS C 250 -33.56 8.03 13.19
CA LYS C 250 -32.12 8.03 13.03
CA LYS C 250 -32.11 8.02 13.04
C LYS C 250 -31.38 7.32 14.18
N TYR C 251 -32.10 6.52 14.96
CA TYR C 251 -31.45 5.73 16.01
C TYR C 251 -30.41 4.81 15.40
N GLY C 252 -29.17 4.91 15.88
CA GLY C 252 -28.09 4.11 15.37
C GLY C 252 -27.61 3.06 16.35
N GLY C 253 -27.93 3.25 17.62
CA GLY C 253 -27.45 2.34 18.66
C GLY C 253 -26.92 3.07 19.87
N VAL C 254 -25.99 2.43 20.57
CA VAL C 254 -25.46 2.94 21.84
C VAL C 254 -23.94 3.10 21.73
N MET C 255 -23.44 4.21 22.27
CA MET C 255 -22.00 4.45 22.40
C MET C 255 -21.62 4.31 23.88
N LEU C 256 -20.47 3.72 24.16
CA LEU C 256 -20.03 3.54 25.54
C LEU C 256 -18.65 4.15 25.80
N TYR C 257 -18.53 4.85 26.92
CA TYR C 257 -17.21 5.17 27.46
C TYR C 257 -16.99 4.26 28.67
N SER C 258 -15.99 3.38 28.66
CA SER C 258 -15.09 3.11 27.54
C SER C 258 -14.75 1.61 27.65
N LYS C 259 -13.85 1.12 26.80
CA LYS C 259 -13.55 -0.31 26.79
C LYS C 259 -13.17 -0.83 28.18
N PHE C 260 -12.32 -0.07 28.87
CA PHE C 260 -11.87 -0.47 30.19
C PHE C 260 -13.00 -0.81 31.15
N TYR C 261 -14.09 -0.02 31.08
CA TYR C 261 -15.18 -0.16 32.03
C TYR C 261 -16.27 -1.09 31.52
N ASP C 262 -16.16 -1.49 30.26
CA ASP C 262 -17.19 -2.33 29.65
C ASP C 262 -16.85 -3.80 29.78
N THR C 263 -17.09 -4.36 30.96
CA THR C 263 -16.83 -5.77 31.21
C THR C 263 -18.09 -6.58 31.02
N THR C 264 -19.23 -6.01 31.40
CA THR C 264 -20.51 -6.72 31.32
C THR C 264 -21.62 -5.91 30.66
N TYR C 265 -21.42 -4.62 30.41
CA TYR C 265 -22.54 -3.77 30.01
C TYR C 265 -23.05 -4.13 28.61
N SER C 266 -22.14 -4.16 27.64
CA SER C 266 -22.51 -4.54 26.28
C SER C 266 -23.12 -5.91 26.20
N THR C 267 -22.57 -6.85 26.97
CA THR C 267 -23.08 -8.22 26.89
C THR C 267 -24.49 -8.29 27.49
N THR C 268 -24.77 -7.48 28.49
CA THR C 268 -26.08 -7.49 29.14
C THR C 268 -27.16 -6.92 28.22
N ILE C 269 -26.83 -5.82 27.55
CA ILE C 269 -27.82 -5.11 26.73
C ILE C 269 -27.84 -5.55 25.27
N LYS C 270 -26.96 -6.49 24.91
CA LYS C 270 -26.76 -6.92 23.51
C LYS C 270 -28.04 -7.11 22.69
N ASP C 271 -29.01 -7.81 23.26
CA ASP C 271 -30.22 -8.19 22.52
C ASP C 271 -31.25 -7.07 22.40
N GLN C 272 -31.01 -5.95 23.09
CA GLN C 272 -31.96 -4.85 23.15
CA GLN C 272 -31.97 -4.86 23.12
C GLN C 272 -31.51 -3.66 22.31
N VAL C 273 -30.22 -3.63 21.95
CA VAL C 273 -29.67 -2.52 21.19
C VAL C 273 -30.14 -2.54 19.74
N GLY D 1 27.93 7.56 -15.76
CA GLY D 1 26.65 8.26 -15.89
C GLY D 1 25.53 7.31 -16.25
N ASP D 2 24.29 7.81 -16.24
CA ASP D 2 23.11 6.97 -16.45
C ASP D 2 22.34 7.40 -17.70
N ILE D 3 21.51 6.50 -18.24
CA ILE D 3 20.63 6.91 -19.33
C ILE D 3 19.18 6.89 -18.85
N ALA D 4 18.45 7.97 -19.15
CA ALA D 4 17.01 8.03 -18.93
C ALA D 4 16.30 7.98 -20.29
N ILE D 5 15.15 7.32 -20.33
CA ILE D 5 14.45 7.18 -21.60
C ILE D 5 12.94 7.36 -21.45
N TYR D 6 12.33 8.08 -22.38
CA TYR D 6 10.87 8.18 -22.45
C TYR D 6 10.23 6.95 -23.07
N TRP D 7 9.09 6.54 -22.52
CA TRP D 7 8.33 5.37 -22.98
C TRP D 7 6.84 5.64 -22.85
N GLY D 8 6.04 5.15 -23.78
CA GLY D 8 4.59 5.13 -23.60
C GLY D 8 3.81 5.69 -24.78
N GLN D 9 4.50 6.35 -25.71
CA GLN D 9 3.82 7.02 -26.82
C GLN D 9 3.87 6.31 -28.16
N ASN D 10 4.44 5.11 -28.20
CA ASN D 10 4.33 4.28 -29.41
C ASN D 10 4.16 2.81 -29.04
N GLY D 11 3.00 2.25 -29.38
CA GLY D 11 2.68 0.87 -29.02
C GLY D 11 3.62 -0.18 -29.57
N GLY D 12 4.44 0.21 -30.56
CA GLY D 12 5.39 -0.71 -31.15
C GLY D 12 6.78 -0.69 -30.56
N GLU D 13 6.98 0.05 -29.47
CA GLU D 13 8.32 0.26 -28.94
C GLU D 13 8.76 -0.82 -27.94
N GLY D 14 7.89 -1.79 -27.69
CA GLY D 14 8.20 -2.84 -26.74
C GLY D 14 7.52 -2.58 -25.41
N THR D 15 7.33 -3.62 -24.60
CA THR D 15 6.69 -3.44 -23.30
C THR D 15 7.58 -2.63 -22.35
N LEU D 16 6.98 -2.07 -21.31
CA LEU D 16 7.74 -1.40 -20.27
C LEU D 16 8.77 -2.37 -19.67
N ALA D 17 8.36 -3.61 -19.41
CA ALA D 17 9.28 -4.59 -18.83
C ALA D 17 10.46 -4.89 -19.75
N SER D 18 10.22 -5.04 -21.05
CA SER D 18 11.32 -5.31 -21.98
CA SER D 18 11.30 -5.31 -22.00
C SER D 18 12.27 -4.13 -22.07
N THR D 19 11.74 -2.92 -21.93
CA THR D 19 12.55 -1.72 -21.94
C THR D 19 13.54 -1.77 -20.76
N CYS D 20 13.02 -2.05 -19.56
CA CYS D 20 13.87 -2.17 -18.39
C CYS D 20 14.87 -3.32 -18.49
N ASP D 21 14.42 -4.43 -19.07
CA ASP D 21 15.23 -5.64 -19.22
C ASP D 21 16.50 -5.46 -20.06
N THR D 22 16.53 -4.43 -20.91
CA THR D 22 17.72 -4.19 -21.75
C THR D 22 18.93 -3.89 -20.87
N GLY D 23 18.67 -3.39 -19.67
CA GLY D 23 19.73 -3.04 -18.73
C GLY D 23 20.43 -1.75 -19.10
N ARG D 24 19.92 -1.06 -20.11
CA ARG D 24 20.60 0.15 -20.60
C ARG D 24 20.21 1.41 -19.83
N TYR D 25 19.06 1.35 -19.15
CA TYR D 25 18.45 2.55 -18.61
C TYR D 25 18.33 2.52 -17.10
N ALA D 26 18.62 3.66 -16.45
CA ALA D 26 18.43 3.79 -15.01
C ALA D 26 17.09 4.45 -14.64
N TYR D 27 16.49 5.13 -15.61
CA TYR D 27 15.19 5.77 -15.43
C TYR D 27 14.36 5.47 -16.65
N VAL D 28 13.12 5.05 -16.43
CA VAL D 28 12.17 4.99 -17.53
C VAL D 28 11.02 5.94 -17.21
N ILE D 29 10.71 6.82 -18.15
CA ILE D 29 9.73 7.87 -17.92
C ILE D 29 8.47 7.56 -18.71
N VAL D 30 7.44 7.10 -17.99
CA VAL D 30 6.15 6.77 -18.60
C VAL D 30 5.43 8.06 -18.98
N SER D 31 4.89 8.09 -20.20
CA SER D 31 4.35 9.33 -20.76
C SER D 31 3.06 9.05 -21.55
N PHE D 32 2.01 9.85 -21.37
CA PHE D 32 1.93 11.07 -20.54
C PHE D 32 0.58 11.19 -19.84
N VAL D 33 0.51 11.99 -18.78
CA VAL D 33 -0.76 12.57 -18.37
C VAL D 33 -0.96 13.78 -19.30
N THR D 34 -1.75 13.61 -20.36
CA THR D 34 -1.82 14.60 -21.44
C THR D 34 -2.70 15.79 -21.14
N THR D 35 -3.67 15.60 -20.26
CA THR D 35 -4.68 16.62 -19.99
C THR D 35 -4.83 16.81 -18.49
N PHE D 36 -4.72 18.06 -18.04
CA PHE D 36 -4.91 18.39 -16.62
C PHE D 36 -5.05 19.90 -16.42
N GLY D 37 -5.52 20.29 -15.24
CA GLY D 37 -5.66 21.70 -14.95
C GLY D 37 -7.07 22.22 -15.16
N ASN D 38 -7.31 23.43 -14.66
CA ASN D 38 -8.64 24.02 -14.66
C ASN D 38 -9.61 23.09 -13.94
N PHE D 39 -9.06 22.36 -12.96
CA PHE D 39 -9.78 21.38 -12.15
C PHE D 39 -10.34 20.19 -12.92
N ARG D 40 -9.92 20.01 -14.16
CA ARG D 40 -10.51 18.97 -15.00
C ARG D 40 -10.03 17.58 -14.61
N ALA D 41 -10.88 16.57 -14.82
CA ALA D 41 -10.47 15.19 -14.62
C ALA D 41 -9.32 14.92 -15.57
N PRO D 42 -8.15 14.52 -15.03
CA PRO D 42 -7.04 14.31 -15.96
C PRO D 42 -7.24 13.16 -16.95
N VAL D 43 -6.53 13.24 -18.08
CA VAL D 43 -6.53 12.19 -19.07
C VAL D 43 -5.10 11.66 -19.21
N VAL D 44 -4.97 10.33 -19.19
CA VAL D 44 -3.68 9.66 -19.34
C VAL D 44 -3.70 8.91 -20.67
N ASN D 45 -2.64 9.05 -21.45
CA ASN D 45 -2.57 8.38 -22.74
C ASN D 45 -1.28 7.61 -22.89
N LEU D 46 -1.40 6.34 -23.28
CA LEU D 46 -0.23 5.49 -23.53
C LEU D 46 -0.34 4.88 -24.92
N ALA D 47 -0.75 5.70 -25.89
CA ALA D 47 -0.90 5.27 -27.27
C ALA D 47 -1.64 3.93 -27.37
N GLY D 48 -1.09 3.01 -28.16
CA GLY D 48 -1.71 1.72 -28.34
C GLY D 48 -1.37 0.68 -27.27
N HIS D 49 -0.45 1.02 -26.37
CA HIS D 49 -0.05 0.09 -25.32
C HIS D 49 -1.26 -0.39 -24.54
N CYS D 50 -2.09 0.56 -24.14
CA CYS D 50 -3.30 0.28 -23.36
C CYS D 50 -4.09 1.57 -23.21
N ASP D 51 -5.29 1.47 -22.64
CA ASP D 51 -6.22 2.61 -22.56
C ASP D 51 -6.61 2.84 -21.11
N PRO D 52 -5.96 3.81 -20.45
CA PRO D 52 -6.24 4.05 -19.02
C PRO D 52 -7.71 4.34 -18.70
N ALA D 53 -8.37 5.17 -19.50
CA ALA D 53 -9.78 5.49 -19.27
C ALA D 53 -10.66 4.25 -19.33
N ALA D 54 -10.28 3.30 -20.18
CA ALA D 54 -11.04 2.07 -20.34
C ALA D 54 -10.68 1.02 -19.27
N GLY D 55 -9.66 1.32 -18.46
CA GLY D 55 -9.23 0.43 -17.41
C GLY D 55 -8.28 -0.69 -17.82
N THR D 56 -7.61 -0.54 -18.96
CA THR D 56 -6.83 -1.65 -19.50
C THR D 56 -5.33 -1.53 -19.31
N CYS D 57 -4.89 -0.62 -18.44
CA CYS D 57 -3.45 -0.46 -18.21
C CYS D 57 -2.95 -1.03 -16.88
N THR D 58 -3.85 -1.70 -16.14
CA THR D 58 -3.48 -2.16 -14.81
C THR D 58 -2.47 -3.31 -14.85
N GLY D 59 -2.30 -3.93 -16.01
CA GLY D 59 -1.26 -4.96 -16.19
C GLY D 59 0.14 -4.38 -16.09
N LEU D 60 0.26 -3.07 -16.27
CA LEU D 60 1.57 -2.42 -16.20
C LEU D 60 2.22 -2.50 -14.82
N SER D 61 1.43 -2.68 -13.77
CA SER D 61 2.01 -2.70 -12.42
C SER D 61 3.03 -3.83 -12.23
N ASP D 62 2.75 -5.01 -12.80
CA ASP D 62 3.72 -6.11 -12.75
C ASP D 62 5.02 -5.71 -13.44
N GLU D 63 4.92 -4.94 -14.52
CA GLU D 63 6.11 -4.48 -15.24
C GLU D 63 6.86 -3.39 -14.48
N ILE D 64 6.12 -2.50 -13.83
CA ILE D 64 6.75 -1.49 -13.00
C ILE D 64 7.53 -2.16 -11.87
N ARG D 65 6.92 -3.18 -11.25
CA ARG D 65 7.60 -3.91 -10.20
C ARG D 65 8.84 -4.62 -10.72
N SER D 66 8.71 -5.23 -11.91
CA SER D 66 9.83 -5.86 -12.58
C SER D 66 10.98 -4.86 -12.78
N CYS D 67 10.66 -3.66 -13.26
CA CYS D 67 11.64 -2.60 -13.43
C CYS D 67 12.34 -2.24 -12.12
N GLN D 68 11.55 -2.04 -11.06
CA GLN D 68 12.11 -1.60 -9.79
C GLN D 68 12.91 -2.73 -9.16
N GLY D 69 12.61 -3.96 -9.56
CA GLY D 69 13.36 -5.12 -9.12
C GLY D 69 14.77 -5.12 -9.69
N LYS D 70 14.99 -4.33 -10.74
CA LYS D 70 16.32 -4.15 -11.29
C LYS D 70 16.90 -2.80 -10.90
N ASP D 71 16.29 -2.18 -9.88
CA ASP D 71 16.71 -0.87 -9.37
C ASP D 71 16.63 0.22 -10.43
N ILE D 72 15.60 0.13 -11.27
CA ILE D 72 15.32 1.19 -12.23
C ILE D 72 14.21 2.07 -11.67
N LYS D 73 14.35 3.39 -11.80
CA LYS D 73 13.33 4.29 -11.30
C LYS D 73 12.31 4.50 -12.41
N VAL D 74 11.04 4.36 -12.08
CA VAL D 74 9.95 4.56 -13.05
C VAL D 74 9.15 5.80 -12.67
N LEU D 75 9.14 6.78 -13.56
CA LEU D 75 8.50 8.07 -13.30
C LEU D 75 7.26 8.22 -14.17
N MET D 76 6.29 9.00 -13.69
CA MET D 76 5.15 9.36 -14.54
C MET D 76 5.31 10.79 -15.01
N SER D 77 5.27 11.01 -16.32
CA SER D 77 5.46 12.34 -16.89
C SER D 77 4.13 13.05 -17.12
N ILE D 78 4.08 14.32 -16.71
CA ILE D 78 2.91 15.15 -16.95
C ILE D 78 3.17 16.13 -18.09
N GLY D 79 2.20 16.25 -18.99
CA GLY D 79 2.28 17.25 -20.04
C GLY D 79 2.66 16.65 -21.38
N GLY D 80 3.87 16.96 -21.82
CA GLY D 80 4.33 16.55 -23.14
C GLY D 80 4.04 17.61 -24.18
N GLY D 81 4.66 17.44 -25.34
CA GLY D 81 4.52 18.41 -26.42
C GLY D 81 3.19 18.49 -27.12
N ALA D 82 2.28 17.55 -26.86
CA ALA D 82 0.99 17.52 -27.57
C ALA D 82 -0.25 17.68 -26.67
N GLY D 83 -0.06 17.81 -25.37
CA GLY D 83 -1.18 17.75 -24.46
C GLY D 83 -1.97 19.03 -24.28
N ASP D 84 -3.03 18.94 -23.48
CA ASP D 84 -3.93 20.06 -23.20
C ASP D 84 -3.89 20.31 -21.70
N TYR D 85 -3.10 21.28 -21.26
CA TYR D 85 -2.89 21.50 -19.83
C TYR D 85 -2.44 22.92 -19.52
N SER D 86 -2.84 23.39 -18.35
CA SER D 86 -2.43 24.68 -17.78
C SER D 86 -3.02 24.73 -16.39
N LEU D 87 -2.28 25.30 -15.44
CA LEU D 87 -2.80 25.46 -14.09
C LEU D 87 -3.31 26.90 -13.93
N VAL D 88 -4.50 27.04 -13.36
CA VAL D 88 -5.17 28.34 -13.33
C VAL D 88 -5.07 29.08 -11.99
N SER D 89 -4.56 28.42 -10.95
CA SER D 89 -4.53 28.98 -9.61
C SER D 89 -3.75 28.07 -8.69
N GLU D 90 -3.41 28.56 -7.50
CA GLU D 90 -2.74 27.72 -6.51
C GLU D 90 -3.61 26.53 -6.13
N ALA D 91 -4.92 26.75 -5.99
CA ALA D 91 -5.85 25.67 -5.63
C ALA D 91 -5.87 24.57 -6.69
N ASP D 92 -5.82 24.99 -7.95
CA ASP D 92 -5.73 24.07 -9.09
C ASP D 92 -4.50 23.19 -8.96
N ALA D 93 -3.35 23.81 -8.69
CA ALA D 93 -2.11 23.07 -8.50
C ALA D 93 -2.24 22.08 -7.35
N ASP D 94 -2.84 22.50 -6.24
CA ASP D 94 -3.02 21.60 -5.09
C ASP D 94 -3.90 20.40 -5.44
N ASN D 95 -5.00 20.67 -6.14
CA ASN D 95 -5.88 19.63 -6.63
C ASN D 95 -5.16 18.62 -7.52
N PHE D 96 -4.34 19.10 -8.45
CA PHE D 96 -3.63 18.19 -9.33
C PHE D 96 -2.56 17.41 -8.56
N ALA D 97 -1.91 18.04 -7.58
CA ALA D 97 -0.95 17.31 -6.77
C ALA D 97 -1.62 16.15 -6.00
N ASP D 98 -2.79 16.43 -5.45
CA ASP D 98 -3.54 15.37 -4.75
C ASP D 98 -3.87 14.23 -5.72
N TYR D 99 -4.30 14.58 -6.93
CA TYR D 99 -4.59 13.57 -7.95
C TYR D 99 -3.38 12.69 -8.23
N LEU D 100 -2.22 13.31 -8.41
CA LEU D 100 -1.00 12.53 -8.67
C LEU D 100 -0.64 11.63 -7.48
N TRP D 101 -0.74 12.15 -6.26
CA TRP D 101 -0.44 11.37 -5.08
C TRP D 101 -1.33 10.13 -4.98
N ASN D 102 -2.63 10.34 -5.15
CA ASN D 102 -3.62 9.26 -5.05
C ASN D 102 -3.57 8.24 -6.18
N ASN D 103 -3.15 8.66 -7.37
CA ASN D 103 -3.27 7.80 -8.53
C ASN D 103 -1.97 7.16 -9.02
N PHE D 104 -0.83 7.79 -8.72
CA PHE D 104 0.45 7.26 -9.17
C PHE D 104 1.43 7.03 -8.04
N LEU D 105 1.28 7.75 -6.92
CA LEU D 105 2.26 7.65 -5.84
C LEU D 105 1.70 6.83 -4.67
N GLY D 106 2.02 7.18 -3.44
CA GLY D 106 1.64 6.36 -2.29
C GLY D 106 0.23 6.47 -1.75
N GLY D 107 -0.64 7.22 -2.44
CA GLY D 107 -2.03 7.36 -2.02
C GLY D 107 -2.94 6.28 -2.56
N GLN D 108 -4.24 6.46 -2.40
CA GLN D 108 -5.20 5.45 -2.83
C GLN D 108 -6.18 6.04 -3.82
N SER D 109 -6.60 5.23 -4.78
CA SER D 109 -7.62 5.63 -5.72
C SER D 109 -8.30 4.39 -6.26
N SER D 110 -9.58 4.49 -6.55
CA SER D 110 -10.31 3.36 -7.12
C SER D 110 -9.97 3.12 -8.59
N SER D 111 -9.31 4.08 -9.23
CA SER D 111 -9.00 3.97 -10.65
C SER D 111 -7.58 4.44 -10.95
N ARG D 112 -6.61 3.94 -10.17
CA ARG D 112 -5.20 4.17 -10.48
C ARG D 112 -4.91 3.72 -11.91
N PRO D 113 -4.46 4.66 -12.77
CA PRO D 113 -4.35 4.35 -14.20
C PRO D 113 -3.45 3.16 -14.52
N LEU D 114 -2.35 2.99 -13.79
CA LEU D 114 -1.41 1.93 -14.14
C LEU D 114 -1.47 0.77 -13.14
N GLY D 115 -2.46 0.80 -12.27
CA GLY D 115 -2.61 -0.27 -11.28
C GLY D 115 -2.04 0.07 -9.92
N ASP D 116 -1.74 -0.97 -9.14
CA ASP D 116 -1.38 -0.77 -7.73
C ASP D 116 0.08 -0.46 -7.44
N ALA D 117 0.94 -0.49 -8.46
CA ALA D 117 2.33 -0.16 -8.25
C ALA D 117 2.51 1.30 -7.85
N VAL D 118 3.53 1.57 -7.04
CA VAL D 118 3.86 2.94 -6.64
C VAL D 118 5.00 3.48 -7.49
N LEU D 119 4.71 4.51 -8.29
CA LEU D 119 5.72 5.10 -9.16
C LEU D 119 6.73 5.85 -8.31
N ASP D 120 7.94 5.99 -8.84
CA ASP D 120 9.02 6.59 -8.06
C ASP D 120 8.99 8.11 -8.04
N GLY D 121 8.22 8.72 -8.93
CA GLY D 121 8.12 10.18 -8.92
C GLY D 121 7.43 10.73 -10.14
N ILE D 122 7.48 12.05 -10.28
CA ILE D 122 6.78 12.79 -11.33
C ILE D 122 7.75 13.59 -12.17
N ASP D 123 7.62 13.46 -13.50
CA ASP D 123 8.42 14.23 -14.45
C ASP D 123 7.63 15.41 -15.02
N PHE D 124 8.16 16.62 -14.85
CA PHE D 124 7.49 17.82 -15.35
C PHE D 124 7.91 18.10 -16.79
N ASP D 125 7.13 17.62 -17.76
CA ASP D 125 7.43 17.88 -19.17
C ASP D 125 6.48 18.96 -19.68
N ILE D 126 6.65 20.16 -19.13
CA ILE D 126 5.73 21.27 -19.41
C ILE D 126 6.22 22.08 -20.61
N GLU D 127 5.57 21.88 -21.76
CA GLU D 127 6.03 22.49 -23.01
C GLU D 127 5.05 23.51 -23.59
N LEU D 128 3.76 23.34 -23.27
CA LEU D 128 2.69 24.15 -23.86
C LEU D 128 1.85 24.78 -22.76
N GLY D 129 1.07 25.80 -23.11
CA GLY D 129 0.16 26.42 -22.15
C GLY D 129 0.78 27.54 -21.34
N THR D 130 0.12 27.88 -20.24
CA THR D 130 0.61 28.96 -19.40
C THR D 130 1.81 28.50 -18.59
N THR D 131 2.50 29.46 -17.99
CA THR D 131 3.78 29.19 -17.34
C THR D 131 3.67 29.30 -15.83
N THR D 132 2.45 29.41 -15.33
CA THR D 132 2.26 29.68 -13.91
C THR D 132 1.81 28.50 -13.04
N PHE D 133 2.17 28.58 -11.77
CA PHE D 133 1.77 27.64 -10.70
C PHE D 133 2.48 26.29 -10.65
N TYR D 134 3.47 26.06 -11.52
CA TYR D 134 4.23 24.82 -11.45
C TYR D 134 5.18 24.80 -10.25
N ASP D 135 5.54 25.97 -9.74
CA ASP D 135 6.23 26.02 -8.46
C ASP D 135 5.34 25.54 -7.32
N THR D 136 4.07 25.94 -7.35
CA THR D 136 3.10 25.47 -6.36
C THR D 136 2.98 23.95 -6.45
N LEU D 137 2.89 23.44 -7.67
CA LEU D 137 2.80 21.98 -7.89
C LEU D 137 4.01 21.23 -7.34
N ALA D 138 5.21 21.76 -7.59
CA ALA D 138 6.44 21.11 -7.14
C ALA D 138 6.52 21.07 -5.61
N ARG D 139 6.21 22.21 -4.98
CA ARG D 139 6.20 22.27 -3.53
C ARG D 139 5.24 21.24 -2.94
N ALA D 140 4.03 21.13 -3.52
CA ALA D 140 3.05 20.20 -3.00
C ALA D 140 3.53 18.74 -3.11
N LEU D 141 4.08 18.38 -4.28
CA LEU D 141 4.57 17.03 -4.48
C LEU D 141 5.78 16.70 -3.61
N SER D 142 6.71 17.64 -3.49
CA SER D 142 7.91 17.41 -2.71
C SER D 142 7.58 17.14 -1.24
N SER D 143 6.54 17.79 -0.73
CA SER D 143 6.09 17.61 0.65
CA SER D 143 6.15 17.60 0.66
C SER D 143 5.62 16.20 0.94
N ARG D 144 5.29 15.46 -0.10
CA ARG D 144 4.77 14.09 0.04
C ARG D 144 5.88 13.05 0.06
N SER D 145 7.10 13.51 -0.16
CA SER D 145 8.25 12.64 -0.04
C SER D 145 8.44 12.37 1.45
N THR D 146 8.60 11.12 1.84
CA THR D 146 8.92 10.81 3.23
C THR D 146 10.27 10.17 3.33
N GLN D 147 10.74 10.07 4.58
CA GLN D 147 11.85 9.20 4.89
C GLN D 147 11.50 7.81 4.37
N ALA D 148 12.25 7.34 3.38
CA ALA D 148 12.10 5.99 2.81
C ALA D 148 10.84 5.69 1.95
N ALA D 149 10.10 6.72 1.57
CA ALA D 149 9.27 6.66 0.38
C ALA D 149 9.50 7.95 -0.38
N LYS D 150 10.58 7.99 -1.15
CA LYS D 150 10.96 9.21 -1.86
C LYS D 150 10.07 9.43 -3.07
N VAL D 151 9.61 10.67 -3.22
CA VAL D 151 8.94 11.09 -4.46
C VAL D 151 9.94 11.92 -5.26
N TYR D 152 10.50 11.33 -6.30
CA TYR D 152 11.42 12.05 -7.20
C TYR D 152 10.68 13.14 -7.98
N LEU D 153 11.33 14.30 -8.10
CA LEU D 153 10.86 15.35 -9.00
CA LEU D 153 10.86 15.35 -9.00
C LEU D 153 11.87 15.52 -10.11
N THR D 154 11.41 15.39 -11.35
CA THR D 154 12.30 15.60 -12.49
C THR D 154 11.64 16.60 -13.44
N ALA D 155 12.42 17.22 -14.33
CA ALA D 155 11.89 18.23 -15.23
C ALA D 155 12.59 18.18 -16.59
N ALA D 156 11.85 18.49 -17.65
CA ALA D 156 12.35 18.40 -19.02
C ALA D 156 12.23 19.73 -19.78
N PRO D 157 12.99 20.74 -19.36
CA PRO D 157 12.92 22.02 -20.04
C PRO D 157 13.49 21.95 -21.46
N GLN D 158 13.15 22.92 -22.31
CA GLN D 158 13.78 23.05 -23.62
C GLN D 158 15.10 23.76 -23.39
N CYS D 159 15.99 23.72 -24.37
CA CYS D 159 17.33 24.28 -24.17
C CYS D 159 17.48 25.82 -24.03
N PRO D 160 16.56 26.63 -24.58
CA PRO D 160 16.73 28.07 -24.29
C PRO D 160 16.67 28.35 -22.79
N HIS D 161 17.58 29.17 -22.27
CA HIS D 161 17.63 29.44 -20.83
C HIS D 161 17.43 30.92 -20.51
N PRO D 162 16.60 31.23 -19.49
CA PRO D 162 15.80 30.33 -18.66
C PRO D 162 14.65 29.74 -19.46
N ASP D 163 14.15 28.58 -19.02
CA ASP D 163 13.02 27.96 -19.71
C ASP D 163 11.75 28.66 -19.25
N SER D 164 10.99 29.14 -20.22
CA SER D 164 9.70 29.79 -20.03
C SER D 164 8.83 29.11 -18.99
N HIS D 165 8.53 27.84 -19.25
CA HIS D 165 7.51 27.16 -18.47
C HIS D 165 8.01 26.61 -17.15
N LEU D 166 9.30 26.32 -17.03
CA LEU D 166 9.77 25.59 -15.86
C LEU D 166 10.72 26.37 -14.95
N ASP D 167 11.07 27.61 -15.31
CA ASP D 167 12.04 28.34 -14.49
C ASP D 167 11.57 28.54 -13.04
N ALA D 168 10.34 28.97 -12.85
CA ALA D 168 9.83 29.17 -11.50
C ALA D 168 9.83 27.87 -10.69
N ALA D 169 9.41 26.78 -11.31
CA ALA D 169 9.46 25.46 -10.66
C ALA D 169 10.91 25.08 -10.30
N LEU D 170 11.82 25.25 -11.25
CA LEU D 170 13.23 24.92 -11.00
C LEU D 170 13.79 25.80 -9.89
N ASN D 171 13.35 27.05 -9.84
CA ASN D 171 13.84 28.00 -8.84
C ASN D 171 13.45 27.64 -7.40
N THR D 172 12.49 26.72 -7.23
CA THR D 172 12.18 26.23 -5.88
C THR D 172 13.32 25.46 -5.24
N GLY D 173 14.22 24.94 -6.07
CA GLY D 173 15.32 24.13 -5.58
C GLY D 173 14.96 22.68 -5.32
N LEU D 174 13.76 22.26 -5.72
CA LEU D 174 13.24 20.97 -5.29
C LEU D 174 13.48 19.80 -6.26
N PHE D 175 14.05 20.07 -7.42
CA PHE D 175 14.20 19.04 -8.44
C PHE D 175 15.43 18.16 -8.30
N ASP D 176 15.21 16.86 -8.42
CA ASP D 176 16.30 15.88 -8.31
C ASP D 176 17.09 15.80 -9.60
N ASN D 177 16.39 15.57 -10.72
CA ASN D 177 17.02 15.47 -12.03
C ASN D 177 16.39 16.43 -13.04
N VAL D 178 17.24 17.09 -13.82
CA VAL D 178 16.77 17.91 -14.92
C VAL D 178 17.39 17.40 -16.23
N TRP D 179 16.56 16.90 -17.14
CA TRP D 179 17.05 16.54 -18.47
C TRP D 179 16.60 17.61 -19.46
N ILE D 180 17.58 18.37 -19.96
CA ILE D 180 17.29 19.46 -20.89
C ILE D 180 17.13 18.92 -22.31
N GLN D 181 16.11 19.39 -23.01
CA GLN D 181 15.88 18.92 -24.36
C GLN D 181 16.70 19.75 -25.35
N PHE D 182 17.84 19.21 -25.77
CA PHE D 182 18.66 19.87 -26.80
C PHE D 182 18.24 19.40 -28.17
N TYR D 183 16.97 19.65 -28.49
CA TYR D 183 16.39 19.29 -29.77
C TYR D 183 15.13 20.10 -30.02
N ASN D 184 14.70 20.16 -31.29
CA ASN D 184 13.51 20.92 -31.68
C ASN D 184 13.57 22.42 -31.39
N ASN D 185 14.78 22.98 -31.30
CA ASN D 185 15.00 24.41 -31.09
C ASN D 185 16.08 24.95 -32.02
N PRO D 186 15.86 24.89 -33.34
CA PRO D 186 16.91 25.16 -34.32
C PRO D 186 17.38 26.62 -34.39
N LEU D 187 16.59 27.57 -33.90
CA LEU D 187 16.95 28.98 -33.99
C LEU D 187 17.60 29.54 -32.72
N ALA D 188 17.56 28.76 -31.64
CA ALA D 188 17.86 29.28 -30.32
C ALA D 188 19.33 29.18 -29.92
N GLN D 189 20.16 28.65 -30.81
CA GLN D 189 21.60 28.56 -30.55
C GLN D 189 21.89 27.78 -29.25
N CYS D 190 21.22 26.65 -29.08
CA CYS D 190 21.46 25.86 -27.87
C CYS D 190 21.56 24.35 -28.14
N GLN D 191 21.32 23.93 -29.38
CA GLN D 191 21.39 22.50 -29.69
C GLN D 191 22.45 22.19 -30.76
N TYR D 192 22.68 20.91 -31.01
CA TYR D 192 23.67 20.51 -32.01
C TYR D 192 23.17 20.78 -33.41
N SER D 193 24.09 21.18 -34.29
CA SER D 193 23.83 21.17 -35.73
C SER D 193 25.12 20.78 -36.42
N SER D 194 25.02 20.35 -37.68
CA SER D 194 26.23 19.93 -38.38
C SER D 194 27.22 21.08 -38.57
N GLY D 195 26.73 22.31 -38.44
CA GLY D 195 27.59 23.47 -38.57
C GLY D 195 28.28 23.95 -37.31
N ASN D 196 27.84 23.47 -36.14
CA ASN D 196 28.35 23.99 -34.88
C ASN D 196 28.05 23.09 -33.67
N THR D 197 29.10 22.72 -32.93
CA THR D 197 28.97 21.90 -31.73
C THR D 197 28.98 22.80 -30.50
N ASN D 198 29.39 24.05 -30.67
CA ASN D 198 29.54 24.92 -29.52
C ASN D 198 28.25 25.46 -28.91
N ASP D 199 27.17 25.52 -29.69
CA ASP D 199 25.89 25.99 -29.16
C ASP D 199 25.42 25.08 -28.01
N ILE D 200 25.57 23.77 -28.20
CA ILE D 200 25.13 22.83 -27.17
C ILE D 200 26.06 22.83 -25.96
N LEU D 201 27.37 22.96 -26.19
CA LEU D 201 28.29 23.00 -25.07
C LEU D 201 28.10 24.28 -24.26
N SER D 202 27.85 25.40 -24.93
CA SER D 202 27.66 26.67 -24.24
CA SER D 202 27.68 26.66 -24.21
C SER D 202 26.35 26.70 -23.47
N SER D 203 25.30 26.12 -24.06
CA SER D 203 24.01 26.01 -23.38
C SER D 203 24.13 25.10 -22.15
N TRP D 204 24.79 23.96 -22.30
CA TRP D 204 25.06 23.07 -21.18
C TRP D 204 25.73 23.82 -20.03
N ASN D 205 26.77 24.59 -20.34
CA ASN D 205 27.46 25.34 -19.30
CA ASN D 205 27.46 25.36 -19.32
C ASN D 205 26.53 26.33 -18.59
N THR D 206 25.67 27.00 -19.35
CA THR D 206 24.73 27.94 -18.76
C THR D 206 23.76 27.23 -17.82
N TRP D 207 23.17 26.14 -18.31
CA TRP D 207 22.24 25.35 -17.51
C TRP D 207 22.85 24.80 -16.20
N THR D 208 24.04 24.22 -16.27
CA THR D 208 24.61 23.57 -15.09
C THR D 208 25.09 24.58 -14.04
N SER D 209 25.31 25.82 -14.44
CA SER D 209 25.79 26.83 -13.51
C SER D 209 24.67 27.74 -12.99
N SER D 210 23.44 27.49 -13.46
CA SER D 210 22.31 28.35 -13.13
C SER D 210 21.12 27.59 -12.58
N THR D 211 21.29 26.31 -12.31
CA THR D 211 20.14 25.47 -11.93
C THR D 211 20.43 24.64 -10.68
N THR D 212 19.52 24.73 -9.70
CA THR D 212 19.63 23.91 -8.50
C THR D 212 18.99 22.56 -8.82
N ALA D 213 19.81 21.51 -8.80
CA ALA D 213 19.35 20.15 -9.10
C ALA D 213 20.40 19.16 -8.64
N GLY D 214 19.97 17.96 -8.28
CA GLY D 214 20.92 16.92 -7.92
C GLY D 214 21.80 16.52 -9.09
N LYS D 215 21.16 16.24 -10.23
CA LYS D 215 21.87 15.85 -11.44
C LYS D 215 21.24 16.52 -12.65
N ILE D 216 22.09 16.84 -13.63
CA ILE D 216 21.63 17.40 -14.90
CA ILE D 216 21.60 17.38 -14.89
C ILE D 216 21.99 16.44 -16.03
N PHE D 217 21.03 16.18 -16.92
CA PHE D 217 21.23 15.23 -18.02
C PHE D 217 21.15 15.92 -19.37
N LEU D 218 21.95 15.45 -20.31
CA LEU D 218 21.91 15.96 -21.69
C LEU D 218 20.83 15.21 -22.46
N GLY D 219 19.74 15.90 -22.80
CA GLY D 219 18.62 15.26 -23.50
C GLY D 219 18.73 15.33 -25.01
N LEU D 220 18.62 14.18 -25.66
CA LEU D 220 18.88 14.06 -27.09
C LEU D 220 17.82 13.21 -27.78
N PRO D 221 17.65 13.39 -29.11
CA PRO D 221 16.82 12.46 -29.88
C PRO D 221 17.61 11.20 -30.17
N ALA D 222 16.95 10.05 -30.10
CA ALA D 222 17.64 8.76 -30.22
C ALA D 222 17.88 8.40 -31.68
N ALA D 223 17.23 9.12 -32.58
CA ALA D 223 17.37 8.89 -34.02
C ALA D 223 17.06 10.17 -34.78
N PRO D 224 17.51 10.25 -36.04
CA PRO D 224 17.19 11.45 -36.84
C PRO D 224 15.70 11.76 -36.92
N GLU D 225 14.84 10.73 -36.88
CA GLU D 225 13.39 10.97 -37.00
C GLU D 225 12.65 11.04 -35.66
N ALA D 226 13.40 11.03 -34.56
CA ALA D 226 12.81 11.20 -33.23
C ALA D 226 12.45 12.66 -32.97
N ALA D 227 13.12 13.57 -33.67
CA ALA D 227 12.86 14.99 -33.54
C ALA D 227 13.22 15.66 -34.85
N GLY D 228 12.74 16.89 -35.06
CA GLY D 228 13.00 17.59 -36.31
C GLY D 228 14.43 18.08 -36.47
N SER D 229 15.08 18.42 -35.36
CA SER D 229 16.45 18.89 -35.38
C SER D 229 17.15 18.57 -34.06
N GLY D 230 18.48 18.44 -34.10
CA GLY D 230 19.23 18.22 -32.87
C GLY D 230 19.92 16.87 -32.74
N TYR D 231 19.57 15.92 -33.60
CA TYR D 231 20.18 14.60 -33.54
C TYR D 231 21.69 14.68 -33.72
N ILE D 232 22.43 14.02 -32.84
CA ILE D 232 23.89 14.00 -32.89
C ILE D 232 24.40 12.60 -33.23
N PRO D 233 25.18 12.49 -34.32
CA PRO D 233 25.82 11.20 -34.62
C PRO D 233 26.60 10.69 -33.41
N PRO D 234 26.45 9.40 -33.09
CA PRO D 234 27.05 8.90 -31.84
C PRO D 234 28.56 9.13 -31.71
N ASP D 235 29.30 9.06 -32.81
CA ASP D 235 30.74 9.28 -32.78
CA ASP D 235 30.74 9.26 -32.73
C ASP D 235 31.10 10.70 -32.36
N VAL D 236 30.27 11.65 -32.78
CA VAL D 236 30.45 13.05 -32.42
C VAL D 236 30.15 13.21 -30.94
N LEU D 237 29.04 12.62 -30.50
CA LEU D 237 28.67 12.68 -29.10
C LEU D 237 29.77 12.15 -28.18
N THR D 238 30.25 10.94 -28.45
CA THR D 238 31.18 10.30 -27.53
C THR D 238 32.59 10.85 -27.68
N GLY D 239 32.92 11.28 -28.88
CA GLY D 239 34.27 11.74 -29.18
C GLY D 239 34.56 13.15 -28.71
N GLN D 240 33.57 14.03 -28.81
CA GLN D 240 33.78 15.46 -28.59
CA GLN D 240 33.86 15.43 -28.49
C GLN D 240 32.88 16.16 -27.58
N ILE D 241 31.69 15.62 -27.37
CA ILE D 241 30.73 16.28 -26.47
C ILE D 241 30.78 15.74 -25.04
N LEU D 242 30.62 14.43 -24.88
CA LEU D 242 30.73 13.82 -23.56
C LEU D 242 32.01 14.16 -22.76
N PRO D 243 33.19 14.20 -23.40
CA PRO D 243 34.36 14.55 -22.60
C PRO D 243 34.27 15.95 -22.00
N GLN D 244 33.55 16.85 -22.66
CA GLN D 244 33.38 18.21 -22.14
C GLN D 244 32.28 18.29 -21.09
N ILE D 245 31.12 17.71 -21.38
CA ILE D 245 30.00 17.84 -20.44
C ILE D 245 30.20 17.08 -19.11
N LYS D 246 31.00 16.02 -19.14
CA LYS D 246 31.35 15.29 -17.92
C LYS D 246 32.19 16.12 -16.94
N THR D 247 32.70 17.27 -17.38
CA THR D 247 33.47 18.13 -16.50
C THR D 247 32.57 18.84 -15.49
N SER D 248 31.25 18.74 -15.67
CA SER D 248 30.32 19.37 -14.73
C SER D 248 30.22 18.58 -13.42
N ALA D 249 30.14 19.31 -12.31
CA ALA D 249 29.96 18.71 -11.01
C ALA D 249 28.59 18.05 -10.87
N LYS D 250 27.68 18.37 -11.77
CA LYS D 250 26.31 17.86 -11.72
CA LYS D 250 26.35 17.77 -11.67
C LYS D 250 25.96 16.95 -12.90
N TYR D 251 26.94 16.49 -13.66
CA TYR D 251 26.66 15.60 -14.78
C TYR D 251 26.02 14.28 -14.31
N GLY D 252 24.85 13.97 -14.85
CA GLY D 252 24.16 12.74 -14.48
C GLY D 252 24.15 11.69 -15.58
N GLY D 253 24.25 12.15 -16.82
CA GLY D 253 24.18 11.24 -17.95
C GLY D 253 23.42 11.82 -19.13
N VAL D 254 22.75 10.94 -19.87
CA VAL D 254 22.07 11.31 -21.10
C VAL D 254 20.61 10.91 -21.01
N MET D 255 19.71 11.77 -21.49
CA MET D 255 18.30 11.40 -21.62
C MET D 255 18.01 11.24 -23.10
N LEU D 256 17.17 10.25 -23.44
CA LEU D 256 16.82 10.02 -24.83
C LEU D 256 15.30 10.04 -25.04
N TYR D 257 14.90 10.73 -26.11
CA TYR D 257 13.55 10.58 -26.66
C TYR D 257 13.65 9.79 -27.96
N SER D 258 13.06 8.60 -28.07
CA SER D 258 12.35 7.88 -27.01
C SER D 258 12.63 6.41 -27.27
N LYS D 259 12.03 5.52 -26.49
CA LYS D 259 12.30 4.10 -26.65
C LYS D 259 12.04 3.62 -28.08
N PHE D 260 10.97 4.12 -28.70
CA PHE D 260 10.63 3.69 -30.05
C PHE D 260 11.75 3.95 -31.06
N TYR D 261 12.46 5.06 -30.87
CA TYR D 261 13.53 5.47 -31.78
C TYR D 261 14.91 4.99 -31.35
N ASP D 262 14.98 4.36 -30.17
CA ASP D 262 16.25 3.92 -29.60
C ASP D 262 16.52 2.44 -29.86
N THR D 263 16.51 2.06 -31.13
CA THR D 263 16.85 0.69 -31.52
C THR D 263 18.36 0.42 -31.45
N THR D 264 19.17 1.46 -31.66
CA THR D 264 20.63 1.30 -31.70
C THR D 264 21.41 2.33 -30.88
N TYR D 265 20.83 3.50 -30.63
CA TYR D 265 21.63 4.62 -30.12
C TYR D 265 22.25 4.37 -28.75
N SER D 266 21.42 3.98 -27.77
CA SER D 266 21.96 3.75 -26.44
C SER D 266 22.90 2.55 -26.42
N THR D 267 22.62 1.56 -27.28
CA THR D 267 23.51 0.38 -27.39
C THR D 267 24.92 0.81 -27.82
N THR D 268 24.97 1.78 -28.73
CA THR D 268 26.22 2.29 -29.26
C THR D 268 27.01 3.14 -28.25
N ILE D 269 26.31 4.02 -27.54
CA ILE D 269 26.99 4.97 -26.66
C ILE D 269 27.10 4.54 -25.19
N LYS D 270 26.45 3.45 -24.83
CA LYS D 270 26.30 3.06 -23.41
C LYS D 270 27.57 3.17 -22.57
N ASP D 271 28.67 2.63 -23.08
CA ASP D 271 29.92 2.51 -22.33
CA ASP D 271 29.87 2.54 -22.25
C ASP D 271 30.63 3.86 -22.13
N GLN D 272 30.16 4.87 -22.82
CA GLN D 272 30.78 6.19 -22.75
CA GLN D 272 30.79 6.19 -22.76
C GLN D 272 29.98 7.16 -21.89
N VAL D 273 28.74 6.81 -21.60
CA VAL D 273 27.89 7.68 -20.78
C VAL D 273 28.36 7.76 -19.33
MG MG E . -27.01 -3.14 -21.87
MG MG F . -32.76 -27.35 -6.32
MG MG G . -19.68 -33.00 8.93
MG MG H . -47.29 -28.73 16.13
MG MG I . -28.07 -22.83 17.26
CL CL J . -13.18 -21.23 -24.05
CL CL K . -37.02 -32.41 -1.45
MG MG L . 27.47 -18.39 18.17
MG MG M . 42.10 -16.92 3.93
CL CL N . 31.59 8.30 12.59
CL CL O . 38.14 1.85 15.68
CL CL P . 47.19 -18.46 0.40
MG MG Q . 4.24 5.22 17.37
MG MG R . 3.37 6.21 29.58
MG MG S . -17.52 17.76 30.72
MG MG T . -29.80 24.15 15.27
CL CL U . -7.13 13.76 -1.51
MG MG V . -13.67 5.64 -4.99
MG MG W . 17.68 32.24 -12.98
#